data_4MM4
#
_entry.id   4MM4
#
_cell.length_a   88.424
_cell.length_b   92.085
_cell.length_c   84.772
_cell.angle_alpha   90.00
_cell.angle_beta   94.78
_cell.angle_gamma   90.00
#
_symmetry.space_group_name_H-M   'P 1 21 1'
#
loop_
_entity.id
_entity.type
_entity.pdbx_description
1 polymer Transporter
2 non-polymer 'SODIUM ION'
3 non-polymer Paroxetine
4 non-polymer 'CHLORIDE ION'
5 water water
#
_entity_poly.entity_id   1
_entity_poly.type   'polypeptide(L)'
_entity_poly.pdbx_seq_one_letter_code
;MEVKREHWATRLGLILAMAGYAVDLGNFLRFPVQAAENGGGAFMIPYIIAFLLVGIPLMWIEWAMGRYGGAQGHGTTPAI
FYLLWRNRFAKILGVFGLWIPLVVASYYVYIESWTLGFAIKFLVGLVPEPPPNATDPDSILRPFKEFLYSYIGVPKGDEP
ILKPSLFAYIVFLITMFINVSILIRGISKGIERFAKIAMPTLFILAVFLVIRVFLLETPNGTAADGLNFLWTPDFEKLKD
PGVWIAAVGQIFFSLGLGFGVLITFASYVRKDQDIVLSGLTAATLNEKASVILGGSISIPAAVAFFGVANAVAIAKAGAF
NLGFITLPAIFSQTAGGTFLGFLWFFLLFFAGLTSSIAGMQGMIAFLEDELKLSRKHAVLWTAAIVFFSAHLVMFLNKSL
DEMDFWATGIGVVFFGLTELIIFFWIFGADKAWEEINRGGIIKVPRIYYYVMRYITPAFLAVLLVVWAREYIPKIMEETH
WTVWITRFYIIGLFLFLTFLVFLAERRRNHESAGTLVPR
;
_entity_poly.pdbx_strand_id   A,B
#
# COMPACT_ATOMS: atom_id res chain seq x y z
N ARG A 5 32.02 5.96 -3.14
CA ARG A 5 31.30 4.98 -2.33
C ARG A 5 31.95 4.79 -0.95
N GLU A 6 31.10 4.67 0.07
CA GLU A 6 31.56 4.44 1.44
C GLU A 6 32.30 3.11 1.59
N HIS A 7 33.19 3.06 2.59
CA HIS A 7 33.90 1.82 2.94
C HIS A 7 33.98 1.66 4.45
N TRP A 8 34.23 0.44 4.90
CA TRP A 8 34.50 0.19 6.31
C TRP A 8 35.88 0.73 6.65
N ALA A 9 35.98 1.45 7.77
CA ALA A 9 37.24 2.08 8.14
C ALA A 9 38.26 1.07 8.66
N THR A 10 37.84 0.24 9.61
CA THR A 10 38.72 -0.72 10.24
C THR A 10 38.24 -2.14 10.06
N ARG A 11 39.17 -3.08 10.01
CA ARG A 11 38.84 -4.49 9.88
C ARG A 11 38.06 -4.95 11.11
N LEU A 12 38.41 -4.38 12.27
CA LEU A 12 37.69 -4.68 13.50
C LEU A 12 36.25 -4.21 13.39
N GLY A 13 36.08 -2.96 12.94
CA GLY A 13 34.76 -2.39 12.75
C GLY A 13 33.86 -3.21 11.84
N LEU A 14 34.43 -3.69 10.74
CA LEU A 14 33.70 -4.54 9.81
C LEU A 14 33.19 -5.80 10.49
N ILE A 15 34.07 -6.47 11.22
CA ILE A 15 33.72 -7.71 11.91
C ILE A 15 32.65 -7.48 12.98
N LEU A 16 32.79 -6.40 13.74
CA LEU A 16 31.85 -6.09 14.82
C LEU A 16 30.49 -5.67 14.27
N ALA A 17 30.48 -5.01 13.12
CA ALA A 17 29.24 -4.61 12.47
C ALA A 17 28.51 -5.83 11.91
N MET A 18 29.26 -6.72 11.29
CA MET A 18 28.71 -7.97 10.76
C MET A 18 28.21 -8.87 11.88
N ALA A 19 28.93 -8.88 12.99
CA ALA A 19 28.51 -9.66 14.16
C ALA A 19 27.29 -9.03 14.81
N GLY A 20 27.26 -7.70 14.82
CA GLY A 20 26.16 -6.96 15.40
C GLY A 20 24.85 -7.28 14.73
N TYR A 21 24.90 -7.55 13.42
CA TYR A 21 23.73 -7.98 12.68
C TYR A 21 23.30 -9.38 13.12
N ALA A 22 24.24 -10.32 13.07
CA ALA A 22 23.96 -11.72 13.41
C ALA A 22 23.42 -11.87 14.83
N VAL A 23 24.07 -11.25 15.80
CA VAL A 23 23.65 -11.34 17.20
C VAL A 23 22.42 -10.48 17.49
N ASP A 24 21.36 -11.13 17.94
CA ASP A 24 20.14 -10.42 18.34
C ASP A 24 19.44 -11.18 19.47
N LEU A 25 18.12 -11.00 19.58
CA LEU A 25 17.34 -11.67 20.61
C LEU A 25 17.44 -13.19 20.52
N GLY A 26 17.55 -13.71 19.31
CA GLY A 26 17.60 -15.14 19.09
C GLY A 26 18.75 -15.84 19.79
N ASN A 27 19.89 -15.14 19.87
CA ASN A 27 21.07 -15.68 20.53
C ASN A 27 20.80 -16.02 21.99
N PHE A 28 20.01 -15.19 22.66
CA PHE A 28 19.76 -15.33 24.09
C PHE A 28 18.44 -16.00 24.41
N LEU A 29 17.59 -16.18 23.39
CA LEU A 29 16.26 -16.75 23.61
C LEU A 29 15.94 -17.94 22.70
N ARG A 30 16.00 -17.72 21.39
CA ARG A 30 15.56 -18.73 20.43
C ARG A 30 16.46 -19.97 20.46
N PHE A 31 17.77 -19.77 20.29
CA PHE A 31 18.72 -20.87 20.28
C PHE A 31 18.69 -21.76 21.54
N PRO A 32 18.65 -21.16 22.75
CA PRO A 32 18.56 -22.03 23.92
C PRO A 32 17.30 -22.90 23.98
N VAL A 33 16.18 -22.39 23.47
CA VAL A 33 14.93 -23.16 23.50
C VAL A 33 14.99 -24.27 22.43
N GLN A 34 15.60 -23.96 21.29
CA GLN A 34 15.77 -24.92 20.21
C GLN A 34 16.61 -26.12 20.66
N ALA A 35 17.65 -25.84 21.43
CA ALA A 35 18.56 -26.89 21.90
C ALA A 35 17.89 -27.82 22.89
N ALA A 36 17.16 -27.24 23.85
CA ALA A 36 16.48 -28.02 24.87
C ALA A 36 15.41 -28.93 24.29
N GLU A 37 14.75 -28.48 23.23
CA GLU A 37 13.66 -29.24 22.63
C GLU A 37 14.14 -30.27 21.61
N ASN A 38 15.42 -30.24 21.27
CA ASN A 38 15.95 -31.15 20.26
C ASN A 38 17.21 -31.88 20.70
N GLY A 39 17.19 -32.45 21.89
CA GLY A 39 18.25 -33.35 22.31
C GLY A 39 19.24 -32.77 23.29
N GLY A 40 19.01 -31.54 23.71
CA GLY A 40 19.91 -30.86 24.64
C GLY A 40 21.28 -30.66 24.04
N GLY A 41 22.29 -31.32 24.61
CA GLY A 41 23.64 -31.22 24.10
C GLY A 41 23.83 -31.95 22.79
N ALA A 42 22.98 -32.95 22.56
CA ALA A 42 23.04 -33.74 21.33
C ALA A 42 22.65 -32.88 20.12
N PHE A 43 21.88 -31.84 20.38
CA PHE A 43 21.47 -30.90 19.34
C PHE A 43 22.65 -30.23 18.67
N MET A 44 23.79 -30.21 19.35
CA MET A 44 25.01 -29.63 18.78
C MET A 44 25.56 -30.45 17.62
N ILE A 45 25.25 -31.73 17.58
CA ILE A 45 25.73 -32.58 16.49
C ILE A 45 25.18 -32.11 15.14
N PRO A 46 23.84 -32.01 14.99
CA PRO A 46 23.40 -31.50 13.69
C PRO A 46 23.62 -29.99 13.53
N TYR A 47 23.75 -29.27 14.64
CA TYR A 47 23.93 -27.83 14.61
C TYR A 47 25.31 -27.45 14.07
N ILE A 48 26.34 -28.15 14.52
CA ILE A 48 27.70 -27.90 14.05
C ILE A 48 27.83 -28.37 12.61
N ILE A 49 27.18 -29.49 12.30
CA ILE A 49 27.15 -30.01 10.93
C ILE A 49 26.51 -29.01 9.97
N ALA A 50 25.36 -28.48 10.36
CA ALA A 50 24.66 -27.47 9.57
C ALA A 50 25.50 -26.22 9.41
N PHE A 51 26.22 -25.86 10.47
CA PHE A 51 27.08 -24.69 10.46
C PHE A 51 28.18 -24.82 9.41
N LEU A 52 28.65 -26.05 9.23
CA LEU A 52 29.77 -26.32 8.33
C LEU A 52 29.34 -26.54 6.88
N LEU A 53 28.18 -27.15 6.68
CA LEU A 53 27.75 -27.50 5.34
C LEU A 53 26.84 -26.45 4.72
N VAL A 54 26.17 -25.65 5.55
CA VAL A 54 25.21 -24.68 5.05
C VAL A 54 25.55 -23.23 5.44
N GLY A 55 25.60 -22.98 6.75
CA GLY A 55 25.85 -21.64 7.27
C GLY A 55 27.10 -20.97 6.75
N ILE A 56 28.25 -21.59 7.04
CA ILE A 56 29.55 -21.07 6.60
C ILE A 56 29.68 -20.95 5.07
N PRO A 57 29.30 -21.99 4.30
CA PRO A 57 29.45 -21.84 2.85
C PRO A 57 28.65 -20.67 2.28
N LEU A 58 27.39 -20.54 2.67
CA LEU A 58 26.51 -19.50 2.15
C LEU A 58 26.95 -18.11 2.56
N MET A 59 27.40 -17.96 3.79
CA MET A 59 27.83 -16.66 4.28
C MET A 59 29.02 -16.14 3.48
N TRP A 60 29.97 -17.02 3.19
CA TRP A 60 31.11 -16.66 2.35
C TRP A 60 30.65 -16.20 0.98
N ILE A 61 29.67 -16.92 0.42
CA ILE A 61 29.10 -16.61 -0.89
C ILE A 61 28.41 -15.25 -0.90
N GLU A 62 27.64 -14.95 0.14
CA GLU A 62 27.00 -13.64 0.24
C GLU A 62 28.04 -12.52 0.43
N TRP A 63 29.10 -12.82 1.19
CA TRP A 63 30.20 -11.87 1.36
C TRP A 63 30.87 -11.58 0.02
N ALA A 64 31.03 -12.62 -0.79
CA ALA A 64 31.67 -12.50 -2.09
C ALA A 64 30.81 -11.70 -3.06
N MET A 65 29.52 -12.04 -3.11
CA MET A 65 28.59 -11.35 -3.99
C MET A 65 28.49 -9.88 -3.63
N GLY A 66 28.55 -9.61 -2.33
CA GLY A 66 28.52 -8.25 -1.84
C GLY A 66 29.71 -7.45 -2.32
N ARG A 67 30.91 -7.97 -2.07
CA ARG A 67 32.14 -7.28 -2.45
C ARG A 67 32.26 -7.18 -3.97
N TYR A 68 31.82 -8.21 -4.68
CA TYR A 68 31.84 -8.20 -6.14
C TYR A 68 30.96 -7.08 -6.70
N GLY A 69 29.76 -6.95 -6.13
CA GLY A 69 28.82 -5.95 -6.57
C GLY A 69 29.22 -4.55 -6.15
N GLY A 70 29.75 -4.45 -4.93
CA GLY A 70 30.18 -3.18 -4.37
C GLY A 70 31.31 -2.53 -5.14
N ALA A 71 32.15 -3.35 -5.76
CA ALA A 71 33.26 -2.84 -6.56
C ALA A 71 32.74 -2.04 -7.76
N GLN A 72 31.56 -2.40 -8.23
CA GLN A 72 30.96 -1.74 -9.39
C GLN A 72 29.88 -0.74 -8.96
N GLY A 73 29.80 -0.48 -7.66
CA GLY A 73 28.93 0.56 -7.14
C GLY A 73 27.51 0.14 -6.83
N HIS A 74 27.31 -1.16 -6.60
CA HIS A 74 25.99 -1.69 -6.33
C HIS A 74 25.96 -2.56 -5.07
N GLY A 75 25.13 -2.17 -4.11
CA GLY A 75 25.06 -2.88 -2.84
C GLY A 75 23.86 -3.80 -2.69
N THR A 76 22.97 -3.80 -3.68
CA THR A 76 21.73 -4.58 -3.61
C THR A 76 21.58 -5.65 -4.69
N THR A 77 20.80 -6.68 -4.38
CA THR A 77 20.60 -7.83 -5.28
C THR A 77 19.90 -7.59 -6.62
N PRO A 78 19.00 -6.57 -6.73
CA PRO A 78 18.48 -6.35 -8.08
C PRO A 78 19.58 -6.02 -9.10
N ALA A 79 20.59 -5.26 -8.68
CA ALA A 79 21.69 -4.91 -9.56
C ALA A 79 22.75 -6.02 -9.62
N ILE A 80 23.04 -6.63 -8.48
CA ILE A 80 24.08 -7.66 -8.39
C ILE A 80 23.68 -8.95 -9.11
N PHE A 81 22.44 -9.40 -8.91
CA PHE A 81 21.94 -10.58 -9.62
C PHE A 81 22.00 -10.39 -11.13
N TYR A 82 21.87 -9.15 -11.59
CA TYR A 82 21.94 -8.86 -13.02
C TYR A 82 23.37 -8.90 -13.54
N LEU A 83 24.32 -8.57 -12.66
CA LEU A 83 25.73 -8.62 -13.01
C LEU A 83 26.24 -10.06 -13.08
N LEU A 84 25.69 -10.91 -12.23
CA LEU A 84 26.04 -12.33 -12.20
C LEU A 84 25.31 -13.09 -13.31
N TRP A 85 24.19 -12.53 -13.75
CA TRP A 85 23.30 -13.18 -14.71
C TRP A 85 22.55 -12.12 -15.52
N ARG A 86 23.05 -11.83 -16.72
CA ARG A 86 22.42 -10.82 -17.58
C ARG A 86 21.08 -11.29 -18.13
N ASN A 87 20.05 -11.18 -17.29
CA ASN A 87 18.70 -11.59 -17.65
C ASN A 87 17.68 -10.70 -16.94
N ARG A 88 16.50 -10.55 -17.53
CA ARG A 88 15.45 -9.76 -16.91
C ARG A 88 14.95 -10.45 -15.64
N PHE A 89 14.84 -11.77 -15.71
CA PHE A 89 14.34 -12.58 -14.60
C PHE A 89 15.28 -12.48 -13.40
N ALA A 90 16.51 -12.07 -13.64
CA ALA A 90 17.51 -11.91 -12.57
C ALA A 90 17.24 -10.64 -11.76
N LYS A 91 16.79 -9.59 -12.42
CA LYS A 91 16.43 -8.33 -11.75
C LYS A 91 15.17 -8.51 -10.91
N ILE A 92 14.23 -9.29 -11.42
CA ILE A 92 12.96 -9.52 -10.73
C ILE A 92 13.18 -10.35 -9.47
N LEU A 93 13.99 -11.40 -9.58
CA LEU A 93 14.36 -12.22 -8.43
C LEU A 93 15.12 -11.40 -7.39
N GLY A 94 15.83 -10.38 -7.86
CA GLY A 94 16.60 -9.50 -7.00
C GLY A 94 15.73 -8.66 -6.09
N VAL A 95 14.54 -8.33 -6.55
CA VAL A 95 13.56 -7.56 -5.77
C VAL A 95 13.31 -8.21 -4.41
N PHE A 96 13.39 -9.54 -4.35
CA PHE A 96 13.19 -10.27 -3.10
C PHE A 96 14.21 -9.90 -2.02
N GLY A 97 15.45 -9.62 -2.42
CA GLY A 97 16.48 -9.27 -1.46
C GLY A 97 16.32 -7.86 -0.95
N LEU A 98 15.39 -7.15 -1.57
CA LEU A 98 15.03 -5.80 -1.15
C LEU A 98 13.72 -5.89 -0.39
N TRP A 99 12.92 -6.89 -0.75
CA TRP A 99 11.59 -7.09 -0.20
C TRP A 99 11.60 -7.73 1.19
N ILE A 100 12.33 -8.85 1.31
CA ILE A 100 12.41 -9.60 2.57
C ILE A 100 12.85 -8.76 3.78
N PRO A 101 13.98 -8.04 3.70
CA PRO A 101 14.38 -7.31 4.90
C PRO A 101 13.43 -6.17 5.22
N LEU A 102 12.74 -5.69 4.20
CA LEU A 102 11.81 -4.59 4.32
C LEU A 102 10.52 -5.10 4.99
N VAL A 103 10.11 -6.31 4.64
CA VAL A 103 8.96 -6.94 5.31
C VAL A 103 9.28 -7.21 6.77
N VAL A 104 10.48 -7.72 7.04
CA VAL A 104 10.91 -7.97 8.41
C VAL A 104 10.94 -6.66 9.20
N ALA A 105 11.44 -5.60 8.57
CA ALA A 105 11.52 -4.28 9.18
C ALA A 105 10.20 -3.81 9.77
N SER A 106 9.09 -4.20 9.16
CA SER A 106 7.76 -3.75 9.59
C SER A 106 7.41 -4.22 11.00
N TYR A 107 7.88 -5.40 11.39
CA TYR A 107 7.63 -5.88 12.75
C TYR A 107 8.88 -5.92 13.64
N TYR A 108 10.07 -5.99 13.05
CA TYR A 108 11.28 -6.14 13.84
C TYR A 108 11.57 -4.93 14.73
N VAL A 109 11.66 -3.75 14.13
CA VAL A 109 11.95 -2.52 14.89
C VAL A 109 10.90 -2.28 15.98
N TYR A 110 9.68 -2.74 15.75
CA TYR A 110 8.62 -2.59 16.74
C TYR A 110 8.86 -3.48 17.96
N ILE A 111 9.13 -4.76 17.72
CA ILE A 111 9.44 -5.68 18.80
C ILE A 111 10.70 -5.19 19.51
N GLU A 112 11.60 -4.57 18.75
CA GLU A 112 12.80 -3.97 19.32
C GLU A 112 12.42 -2.86 20.30
N SER A 113 11.37 -2.11 19.96
CA SER A 113 10.94 -1.01 20.81
C SER A 113 10.39 -1.56 22.14
N TRP A 114 9.86 -2.78 22.12
CA TRP A 114 9.30 -3.39 23.31
C TRP A 114 10.37 -3.52 24.39
N THR A 115 11.55 -4.00 24.00
CA THR A 115 12.67 -4.16 24.92
C THR A 115 13.07 -2.82 25.52
N LEU A 116 13.16 -1.78 24.67
CA LEU A 116 13.50 -0.44 25.16
C LEU A 116 12.48 0.05 26.16
N GLY A 117 11.19 -0.11 25.83
CA GLY A 117 10.12 0.31 26.72
C GLY A 117 10.16 -0.45 28.04
N PHE A 118 10.37 -1.76 27.93
CA PHE A 118 10.46 -2.63 29.10
C PHE A 118 11.67 -2.28 29.97
N ALA A 119 12.76 -1.87 29.33
CA ALA A 119 13.96 -1.44 30.04
C ALA A 119 13.68 -0.16 30.82
N ILE A 120 12.94 0.76 30.19
CA ILE A 120 12.59 2.03 30.84
C ILE A 120 11.62 1.80 31.99
N LYS A 121 10.63 0.94 31.76
CA LYS A 121 9.62 0.62 32.77
C LYS A 121 10.27 -0.02 33.99
N PHE A 122 11.19 -0.96 33.75
CA PHE A 122 11.92 -1.60 34.85
C PHE A 122 12.80 -0.65 35.65
N LEU A 123 13.52 0.22 34.95
CA LEU A 123 14.46 1.13 35.59
C LEU A 123 13.75 2.09 36.54
N VAL A 124 12.58 2.58 36.13
CA VAL A 124 11.83 3.55 36.91
C VAL A 124 10.79 2.87 37.80
N GLY A 125 10.74 1.54 37.74
CA GLY A 125 9.91 0.77 38.65
C GLY A 125 8.44 0.65 38.31
N LEU A 126 8.07 1.00 37.08
CA LEU A 126 6.67 0.89 36.64
C LEU A 126 6.31 -0.52 36.20
N VAL A 127 6.64 -1.50 37.04
CA VAL A 127 6.41 -2.91 36.71
C VAL A 127 5.61 -3.59 37.82
N PRO A 128 4.89 -4.68 37.49
CA PRO A 128 4.13 -5.41 38.50
C PRO A 128 5.00 -5.94 39.64
N GLU A 129 4.39 -6.14 40.80
CA GLU A 129 5.10 -6.63 41.98
C GLU A 129 4.28 -7.68 42.72
N PRO A 130 4.27 -8.92 42.20
CA PRO A 130 3.59 -10.04 42.88
C PRO A 130 4.24 -10.36 44.23
N PRO A 131 3.54 -11.08 45.12
CA PRO A 131 2.16 -11.61 44.98
C PRO A 131 1.10 -10.52 45.04
N THR A 135 4.40 -17.51 46.07
CA THR A 135 3.26 -18.40 46.24
C THR A 135 3.27 -19.51 45.19
N ASP A 136 2.47 -19.35 44.14
CA ASP A 136 2.37 -20.32 43.06
C ASP A 136 2.76 -19.69 41.74
N PRO A 137 3.31 -20.50 40.80
CA PRO A 137 3.83 -20.01 39.52
C PRO A 137 2.88 -19.09 38.75
N ASP A 138 1.62 -19.48 38.64
CA ASP A 138 0.66 -18.70 37.87
C ASP A 138 0.32 -17.38 38.57
N SER A 139 0.56 -17.32 39.87
CA SER A 139 0.31 -16.12 40.65
C SER A 139 1.42 -15.07 40.42
N ILE A 140 2.55 -15.52 39.88
CA ILE A 140 3.67 -14.63 39.60
C ILE A 140 3.71 -14.26 38.11
N LEU A 141 3.36 -15.23 37.26
CA LEU A 141 3.48 -15.08 35.82
C LEU A 141 2.36 -14.23 35.22
N ARG A 142 1.12 -14.46 35.67
CA ARG A 142 -0.04 -13.74 35.14
C ARG A 142 0.05 -12.21 35.28
N PRO A 143 0.53 -11.69 36.43
CA PRO A 143 0.65 -10.22 36.51
C PRO A 143 1.58 -9.64 35.45
N PHE A 144 2.56 -10.41 35.00
CA PHE A 144 3.47 -9.97 33.94
C PHE A 144 2.94 -10.36 32.56
N LYS A 145 2.12 -11.39 32.52
CA LYS A 145 1.44 -11.77 31.29
C LYS A 145 0.49 -10.66 30.88
N GLU A 146 -0.15 -10.05 31.86
CA GLU A 146 -1.06 -8.94 31.62
C GLU A 146 -0.30 -7.63 31.35
N PHE A 147 0.92 -7.53 31.89
CA PHE A 147 1.73 -6.33 31.69
C PHE A 147 2.13 -6.22 30.23
N LEU A 148 2.44 -7.37 29.63
CA LEU A 148 2.85 -7.42 28.23
C LEU A 148 1.66 -7.21 27.31
N TYR A 149 0.52 -7.79 27.69
CA TYR A 149 -0.68 -7.72 26.88
C TYR A 149 -1.24 -6.29 26.86
N SER A 150 -1.04 -5.56 27.95
CA SER A 150 -1.48 -4.17 28.02
C SER A 150 -0.53 -3.26 27.26
N TYR A 151 0.72 -3.68 27.12
CA TYR A 151 1.72 -2.92 26.38
C TYR A 151 1.46 -3.07 24.88
N ILE A 152 1.22 -4.30 24.45
CA ILE A 152 0.92 -4.61 23.06
C ILE A 152 -0.48 -4.19 22.67
N GLY A 153 -1.43 -4.42 23.57
CA GLY A 153 -2.82 -4.19 23.28
C GLY A 153 -3.47 -5.44 22.74
N VAL A 154 -3.06 -6.59 23.28
CA VAL A 154 -3.64 -7.87 22.90
C VAL A 154 -5.15 -7.85 23.04
N PRO A 155 -5.87 -8.21 21.97
CA PRO A 155 -7.34 -8.19 21.92
C PRO A 155 -7.99 -8.89 23.10
N LYS A 156 -8.90 -8.20 23.79
CA LYS A 156 -9.66 -8.80 24.88
C LYS A 156 -10.98 -9.35 24.36
N GLY A 157 -11.31 -8.98 23.12
CA GLY A 157 -12.51 -9.46 22.47
C GLY A 157 -12.23 -10.39 21.31
N ASP A 158 -13.24 -10.60 20.47
CA ASP A 158 -13.11 -11.48 19.31
C ASP A 158 -12.47 -10.74 18.14
N GLU A 159 -12.47 -9.41 18.23
CA GLU A 159 -11.89 -8.58 17.18
C GLU A 159 -10.40 -8.86 17.02
N PRO A 160 -9.89 -8.78 15.78
CA PRO A 160 -8.46 -8.94 15.51
C PRO A 160 -7.72 -7.60 15.59
N ILE A 161 -8.06 -6.80 16.59
CA ILE A 161 -7.52 -5.46 16.71
C ILE A 161 -6.62 -5.27 17.92
N LEU A 162 -5.40 -4.81 17.68
CA LEU A 162 -4.48 -4.48 18.75
C LEU A 162 -4.62 -3.00 19.10
N LYS A 163 -4.55 -2.70 20.39
CA LYS A 163 -4.61 -1.31 20.84
C LYS A 163 -3.38 -1.02 21.71
N PRO A 164 -2.25 -0.70 21.05
CA PRO A 164 -1.01 -0.46 21.79
C PRO A 164 -1.17 0.74 22.71
N SER A 165 -0.46 0.72 23.83
CA SER A 165 -0.51 1.84 24.75
C SER A 165 0.14 3.07 24.12
N LEU A 166 -0.19 4.25 24.63
CA LEU A 166 0.47 5.47 24.18
C LEU A 166 1.98 5.37 24.43
N PHE A 167 2.35 4.77 25.56
CA PHE A 167 3.74 4.56 25.90
C PHE A 167 4.45 3.69 24.86
N ALA A 168 3.82 2.58 24.50
CA ALA A 168 4.38 1.66 23.52
C ALA A 168 4.58 2.32 22.15
N TYR A 169 3.58 3.11 21.75
CA TYR A 169 3.65 3.80 20.47
C TYR A 169 4.75 4.85 20.47
N ILE A 170 4.88 5.58 21.58
CA ILE A 170 5.89 6.64 21.69
C ILE A 170 7.30 6.06 21.74
N VAL A 171 7.47 4.98 22.48
CA VAL A 171 8.77 4.30 22.51
C VAL A 171 9.12 3.79 21.11
N PHE A 172 8.11 3.37 20.36
CA PHE A 172 8.34 2.96 18.98
C PHE A 172 8.82 4.13 18.13
N LEU A 173 8.25 5.31 18.39
CA LEU A 173 8.70 6.53 17.72
C LEU A 173 10.14 6.81 18.09
N ILE A 174 10.44 6.79 19.38
CA ILE A 174 11.80 6.99 19.86
C ILE A 174 12.77 5.97 19.25
N THR A 175 12.37 4.70 19.21
CA THR A 175 13.19 3.65 18.63
C THR A 175 13.49 3.93 17.17
N MET A 176 12.48 4.34 16.41
CA MET A 176 12.66 4.72 15.02
C MET A 176 13.69 5.84 14.90
N PHE A 177 13.59 6.81 15.80
CA PHE A 177 14.48 7.96 15.77
C PHE A 177 15.94 7.56 16.00
N ILE A 178 16.18 6.74 17.02
CA ILE A 178 17.51 6.22 17.33
C ILE A 178 18.14 5.52 16.13
N ASN A 179 17.37 4.68 15.46
CA ASN A 179 17.81 3.99 14.25
C ASN A 179 18.22 4.95 13.16
N VAL A 180 17.41 5.98 12.94
CA VAL A 180 17.70 7.00 11.94
C VAL A 180 19.00 7.73 12.28
N SER A 181 19.15 8.08 13.57
CA SER A 181 20.31 8.81 14.06
C SER A 181 21.63 8.14 13.70
N ILE A 182 21.69 6.83 13.88
CA ILE A 182 22.88 6.07 13.52
C ILE A 182 23.00 5.95 12.00
N LEU A 183 21.88 5.63 11.35
CA LEU A 183 21.89 5.36 9.91
C LEU A 183 22.24 6.58 9.07
N ILE A 184 21.86 7.76 9.56
CA ILE A 184 22.06 8.99 8.80
C ILE A 184 23.51 9.48 8.85
N ARG A 185 24.32 8.87 9.73
CA ARG A 185 25.73 9.22 9.84
C ARG A 185 26.61 8.35 8.93
N GLY A 186 25.99 7.38 8.27
CA GLY A 186 26.69 6.59 7.27
C GLY A 186 27.21 5.26 7.76
N ILE A 187 28.07 4.63 6.96
CA ILE A 187 28.63 3.33 7.28
C ILE A 187 29.68 3.39 8.39
N SER A 188 30.80 4.08 8.13
CA SER A 188 31.91 4.11 9.08
C SER A 188 31.64 4.98 10.29
N LYS A 189 31.26 6.23 10.06
CA LYS A 189 31.01 7.17 11.14
C LYS A 189 29.67 6.92 11.83
N GLY A 190 28.90 5.96 11.32
CA GLY A 190 27.60 5.64 11.88
C GLY A 190 27.48 4.21 12.32
N ILE A 191 27.29 3.31 11.36
CA ILE A 191 27.09 1.89 11.67
C ILE A 191 28.32 1.29 12.33
N GLU A 192 29.48 1.51 11.74
CA GLU A 192 30.75 0.98 12.26
C GLU A 192 31.14 1.59 13.61
N ARG A 193 30.94 2.89 13.76
CA ARG A 193 31.23 3.57 15.01
C ARG A 193 30.36 3.02 16.14
N PHE A 194 29.08 2.79 15.85
CA PHE A 194 28.15 2.25 16.84
C PHE A 194 28.45 0.79 17.16
N ALA A 195 28.96 0.06 16.18
CA ALA A 195 29.30 -1.34 16.36
C ALA A 195 30.41 -1.50 17.41
N LYS A 196 31.36 -0.57 17.38
CA LYS A 196 32.49 -0.57 18.28
C LYS A 196 32.12 -0.22 19.73
N ILE A 197 30.93 0.35 19.92
CA ILE A 197 30.47 0.67 21.27
C ILE A 197 29.50 -0.39 21.78
N ALA A 198 28.56 -0.78 20.92
CA ALA A 198 27.47 -1.68 21.30
C ALA A 198 27.96 -3.08 21.62
N MET A 199 28.84 -3.62 20.79
CA MET A 199 29.31 -5.00 20.99
C MET A 199 30.12 -5.17 22.28
N PRO A 200 31.05 -4.24 22.58
CA PRO A 200 31.66 -4.35 23.91
C PRO A 200 30.63 -4.18 25.03
N THR A 201 29.74 -3.20 24.87
CA THR A 201 28.68 -2.97 25.86
C THR A 201 27.83 -4.22 26.01
N LEU A 202 27.53 -4.85 24.89
CA LEU A 202 26.76 -6.09 24.86
C LEU A 202 27.46 -7.18 25.66
N PHE A 203 28.75 -7.37 25.37
CA PHE A 203 29.53 -8.42 26.01
C PHE A 203 29.54 -8.25 27.53
N ILE A 204 29.77 -7.02 27.99
CA ILE A 204 29.79 -6.71 29.42
C ILE A 204 28.45 -7.02 30.08
N LEU A 205 27.37 -6.52 29.47
CA LEU A 205 26.01 -6.78 29.95
C LEU A 205 25.76 -8.27 30.10
N ALA A 206 26.14 -9.04 29.08
CA ALA A 206 25.94 -10.48 29.07
C ALA A 206 26.72 -11.18 30.18
N VAL A 207 28.00 -10.85 30.30
CA VAL A 207 28.87 -11.49 31.29
C VAL A 207 28.38 -11.22 32.71
N PHE A 208 27.98 -9.98 32.97
CA PHE A 208 27.44 -9.63 34.29
C PHE A 208 26.19 -10.45 34.61
N LEU A 209 25.35 -10.66 33.61
CA LEU A 209 24.14 -11.46 33.80
C LEU A 209 24.49 -12.93 33.99
N VAL A 210 25.43 -13.42 33.19
CA VAL A 210 25.90 -14.81 33.31
C VAL A 210 26.43 -15.07 34.72
N ILE A 211 27.21 -14.14 35.24
CA ILE A 211 27.76 -14.26 36.58
C ILE A 211 26.66 -14.25 37.64
N ARG A 212 25.74 -13.29 37.54
CA ARG A 212 24.68 -13.15 38.52
C ARG A 212 23.67 -14.32 38.47
N VAL A 213 23.45 -14.87 37.27
CA VAL A 213 22.56 -16.02 37.13
C VAL A 213 23.17 -17.24 37.81
N PHE A 214 24.49 -17.39 37.68
CA PHE A 214 25.18 -18.53 38.28
C PHE A 214 25.18 -18.50 39.81
N LEU A 215 24.79 -17.37 40.38
CA LEU A 215 24.71 -17.25 41.84
C LEU A 215 23.28 -17.42 42.35
N LEU A 216 22.32 -17.57 41.43
CA LEU A 216 20.92 -17.77 41.81
C LEU A 216 20.71 -19.10 42.53
N GLU A 217 20.08 -19.03 43.70
CA GLU A 217 19.71 -20.23 44.43
C GLU A 217 18.36 -20.05 45.10
N THR A 218 17.39 -20.87 44.71
CA THR A 218 16.05 -20.83 45.28
C THR A 218 15.72 -22.19 45.89
N PRO A 219 14.67 -22.27 46.72
CA PRO A 219 14.22 -23.56 47.24
C PRO A 219 13.87 -24.57 46.13
N ASN A 220 13.63 -24.08 44.93
CA ASN A 220 13.25 -24.94 43.79
C ASN A 220 14.44 -25.43 42.96
N GLY A 221 15.58 -24.77 43.05
CA GLY A 221 16.74 -25.20 42.28
C GLY A 221 17.86 -24.18 42.16
N THR A 222 18.87 -24.51 41.35
CA THR A 222 20.04 -23.65 41.16
C THR A 222 20.31 -23.42 39.68
N ALA A 223 21.31 -22.57 39.39
CA ALA A 223 21.69 -22.28 38.01
C ALA A 223 22.38 -23.49 37.36
N ALA A 224 22.95 -24.35 38.19
CA ALA A 224 23.59 -25.56 37.69
C ALA A 224 22.54 -26.52 37.13
N ASP A 225 21.36 -26.52 37.77
CA ASP A 225 20.24 -27.32 37.31
C ASP A 225 19.79 -26.87 35.92
N GLY A 226 19.93 -25.57 35.66
CA GLY A 226 19.60 -25.00 34.37
C GLY A 226 20.57 -25.41 33.27
N LEU A 227 21.87 -25.24 33.53
CA LEU A 227 22.90 -25.67 32.58
C LEU A 227 22.90 -27.18 32.38
N ASN A 228 22.46 -27.90 33.40
CA ASN A 228 22.39 -29.35 33.31
C ASN A 228 21.28 -29.79 32.35
N PHE A 229 20.05 -29.36 32.63
CA PHE A 229 18.89 -29.69 31.81
C PHE A 229 19.10 -29.31 30.34
N LEU A 230 19.77 -28.19 30.12
CA LEU A 230 19.94 -27.67 28.77
C LEU A 230 20.97 -28.45 27.96
N TRP A 231 22.06 -28.87 28.60
CA TRP A 231 23.18 -29.46 27.89
C TRP A 231 23.32 -30.99 28.02
N THR A 232 22.56 -31.61 28.92
CA THR A 232 22.56 -33.07 29.01
C THR A 232 21.96 -33.66 27.74
N PRO A 233 22.78 -34.41 26.98
CA PRO A 233 22.44 -34.92 25.64
C PRO A 233 21.34 -35.98 25.63
N ASP A 234 20.48 -35.90 24.62
CA ASP A 234 19.48 -36.94 24.37
C ASP A 234 19.62 -37.41 22.92
N PHE A 235 20.55 -38.33 22.70
CA PHE A 235 20.91 -38.76 21.34
C PHE A 235 19.79 -39.51 20.62
N GLU A 236 18.78 -39.93 21.37
CA GLU A 236 17.66 -40.66 20.77
C GLU A 236 16.83 -39.74 19.89
N LYS A 237 17.01 -38.43 20.08
CA LYS A 237 16.31 -37.43 19.29
C LYS A 237 17.02 -37.17 17.96
N LEU A 238 18.24 -37.68 17.83
CA LEU A 238 19.00 -37.50 16.59
C LEU A 238 18.44 -38.34 15.44
N LYS A 239 17.60 -39.32 15.78
CA LYS A 239 16.93 -40.14 14.79
C LYS A 239 15.87 -39.32 14.06
N ASP A 240 15.26 -38.39 14.79
CA ASP A 240 14.22 -37.52 14.27
C ASP A 240 14.76 -36.58 13.19
N PRO A 241 14.18 -36.67 11.97
CA PRO A 241 14.56 -35.76 10.88
C PRO A 241 14.20 -34.30 11.18
N GLY A 242 13.17 -34.10 11.98
CA GLY A 242 12.75 -32.77 12.38
C GLY A 242 13.79 -32.02 13.18
N VAL A 243 14.63 -32.76 13.90
CA VAL A 243 15.74 -32.17 14.65
C VAL A 243 16.81 -31.69 13.69
N TRP A 244 17.11 -32.50 12.68
CA TRP A 244 18.09 -32.14 11.67
C TRP A 244 17.60 -31.00 10.78
N ILE A 245 16.28 -30.85 10.66
CA ILE A 245 15.71 -29.72 9.93
C ILE A 245 15.78 -28.45 10.77
N ALA A 246 15.47 -28.57 12.05
CA ALA A 246 15.50 -27.43 12.97
C ALA A 246 16.91 -26.88 13.11
N ALA A 247 17.90 -27.77 13.07
CA ALA A 247 19.30 -27.39 13.15
C ALA A 247 19.71 -26.58 11.92
N VAL A 248 19.32 -27.07 10.74
CA VAL A 248 19.60 -26.35 9.50
C VAL A 248 18.88 -25.01 9.47
N GLY A 249 17.64 -25.01 9.96
CA GLY A 249 16.84 -23.80 10.02
C GLY A 249 17.38 -22.78 11.00
N GLN A 250 17.79 -23.25 12.17
CA GLN A 250 18.33 -22.37 13.21
C GLN A 250 19.63 -21.68 12.77
N ILE A 251 20.50 -22.43 12.10
CA ILE A 251 21.75 -21.88 11.58
C ILE A 251 21.46 -20.79 10.56
N PHE A 252 20.50 -21.05 9.69
CA PHE A 252 20.09 -20.09 8.68
C PHE A 252 19.56 -18.83 9.36
N PHE A 253 18.78 -19.04 10.42
CA PHE A 253 18.26 -17.97 11.26
C PHE A 253 19.38 -17.23 12.00
N SER A 254 20.30 -18.00 12.60
CA SER A 254 21.32 -17.48 13.50
C SER A 254 22.26 -16.46 12.85
N LEU A 255 22.70 -16.75 11.62
CA LEU A 255 23.67 -15.92 10.94
C LEU A 255 23.01 -14.83 10.10
N GLY A 256 21.70 -14.94 9.89
CA GLY A 256 20.97 -13.95 9.13
C GLY A 256 21.20 -14.09 7.62
N LEU A 257 21.16 -15.33 7.14
CA LEU A 257 21.36 -15.62 5.73
C LEU A 257 20.06 -15.45 4.94
N GLY A 258 20.19 -15.08 3.67
CA GLY A 258 19.03 -14.95 2.79
C GLY A 258 18.18 -13.72 3.02
N PHE A 259 18.74 -12.72 3.69
CA PHE A 259 18.06 -11.45 3.88
C PHE A 259 18.58 -10.39 2.93
N GLY A 260 19.74 -10.68 2.34
CA GLY A 260 20.41 -9.73 1.47
C GLY A 260 21.17 -8.70 2.28
N VAL A 261 21.08 -8.77 3.59
CA VAL A 261 21.81 -7.86 4.48
C VAL A 261 23.32 -8.02 4.40
N LEU A 262 23.78 -9.27 4.42
CA LEU A 262 25.23 -9.57 4.38
C LEU A 262 25.84 -9.07 3.09
N ILE A 263 25.06 -9.19 2.02
CA ILE A 263 25.48 -8.76 0.69
C ILE A 263 25.63 -7.24 0.68
N THR A 264 24.67 -6.55 1.28
CA THR A 264 24.72 -5.09 1.36
C THR A 264 25.94 -4.63 2.16
N PHE A 265 26.18 -5.27 3.30
CA PHE A 265 27.28 -4.86 4.16
C PHE A 265 28.63 -5.19 3.50
N ALA A 266 28.70 -6.35 2.86
CA ALA A 266 29.91 -6.79 2.18
C ALA A 266 30.31 -5.82 1.06
N SER A 267 29.33 -5.16 0.48
CA SER A 267 29.58 -4.22 -0.61
C SER A 267 30.40 -3.00 -0.18
N TYR A 268 30.51 -2.79 1.13
CA TYR A 268 31.32 -1.68 1.65
C TYR A 268 32.72 -2.15 2.04
N VAL A 269 32.99 -3.42 1.78
CA VAL A 269 34.35 -3.95 1.85
C VAL A 269 35.09 -3.65 0.55
N ARG A 270 36.30 -3.12 0.65
CA ARG A 270 37.08 -2.75 -0.55
C ARG A 270 37.36 -3.97 -1.42
N LYS A 271 37.68 -3.72 -2.68
CA LYS A 271 37.78 -4.77 -3.69
C LYS A 271 38.69 -5.95 -3.31
N ASP A 272 39.88 -5.64 -2.80
CA ASP A 272 40.86 -6.69 -2.55
C ASP A 272 41.05 -7.02 -1.07
N GLN A 273 40.17 -6.47 -0.22
CA GLN A 273 40.22 -6.74 1.22
C GLN A 273 39.66 -8.13 1.52
N ASP A 274 40.21 -8.79 2.54
CA ASP A 274 39.80 -10.14 2.92
C ASP A 274 38.35 -10.24 3.33
N ILE A 275 37.68 -11.30 2.88
CA ILE A 275 36.31 -11.59 3.28
C ILE A 275 36.23 -13.01 3.84
N VAL A 276 37.22 -13.83 3.52
CA VAL A 276 37.25 -15.22 3.96
C VAL A 276 37.43 -15.31 5.48
N LEU A 277 38.54 -14.78 5.98
CA LEU A 277 38.82 -14.81 7.42
C LEU A 277 37.87 -13.90 8.18
N SER A 278 37.62 -12.72 7.61
CA SER A 278 36.70 -11.75 8.21
C SER A 278 35.32 -12.35 8.46
N GLY A 279 34.78 -13.03 7.44
CA GLY A 279 33.49 -13.68 7.55
C GLY A 279 33.49 -14.79 8.59
N LEU A 280 34.52 -15.62 8.56
CA LEU A 280 34.63 -16.74 9.49
C LEU A 280 34.72 -16.29 10.95
N THR A 281 35.40 -15.17 11.17
CA THR A 281 35.53 -14.60 12.52
C THR A 281 34.17 -14.12 13.03
N ALA A 282 33.50 -13.29 12.23
CA ALA A 282 32.19 -12.74 12.59
C ALA A 282 31.15 -13.84 12.83
N ALA A 283 31.20 -14.88 12.02
CA ALA A 283 30.28 -16.01 12.18
C ALA A 283 30.55 -16.74 13.48
N THR A 284 31.83 -16.81 13.86
CA THR A 284 32.24 -17.54 15.05
C THR A 284 31.83 -16.81 16.33
N LEU A 285 31.94 -15.48 16.33
CA LEU A 285 31.48 -14.66 17.44
C LEU A 285 30.01 -14.90 17.75
N ASN A 286 29.20 -14.91 16.69
CA ASN A 286 27.77 -15.13 16.83
C ASN A 286 27.46 -16.45 17.51
N GLU A 287 28.23 -17.48 17.15
CA GLU A 287 28.02 -18.81 17.73
C GLU A 287 28.47 -18.89 19.17
N LYS A 288 29.60 -18.25 19.48
CA LYS A 288 30.10 -18.21 20.86
C LYS A 288 29.08 -17.49 21.73
N ALA A 289 28.51 -16.42 21.20
CA ALA A 289 27.49 -15.65 21.91
C ALA A 289 26.30 -16.54 22.26
N SER A 290 25.90 -17.40 21.33
CA SER A 290 24.76 -18.27 21.55
C SER A 290 25.02 -19.33 22.61
N VAL A 291 26.07 -20.13 22.43
CA VAL A 291 26.33 -21.27 23.31
C VAL A 291 26.87 -20.86 24.69
N ILE A 292 27.67 -19.80 24.74
CA ILE A 292 28.30 -19.41 26.00
C ILE A 292 27.46 -18.42 26.77
N LEU A 293 27.09 -17.32 26.12
CA LEU A 293 26.34 -16.26 26.76
C LEU A 293 24.84 -16.57 26.79
N GLY A 294 24.29 -16.83 25.61
CA GLY A 294 22.85 -17.05 25.47
C GLY A 294 22.33 -18.22 26.25
N GLY A 295 23.09 -19.31 26.26
CA GLY A 295 22.70 -20.52 26.99
C GLY A 295 22.97 -20.50 28.48
N SER A 296 23.61 -19.44 28.97
CA SER A 296 23.96 -19.37 30.39
C SER A 296 23.05 -18.45 31.17
N ILE A 297 22.14 -17.76 30.49
CA ILE A 297 21.30 -16.79 31.17
C ILE A 297 19.83 -17.24 31.26
N SER A 298 19.13 -17.18 30.14
CA SER A 298 17.67 -17.37 30.13
C SER A 298 17.21 -18.71 30.72
N ILE A 299 17.59 -19.82 30.10
CA ILE A 299 17.18 -21.16 30.58
C ILE A 299 17.69 -21.48 31.99
N PRO A 300 18.98 -21.22 32.29
CA PRO A 300 19.40 -21.48 33.67
C PRO A 300 18.61 -20.68 34.71
N ALA A 301 18.36 -19.39 34.45
CA ALA A 301 17.63 -18.55 35.38
C ALA A 301 16.20 -19.04 35.59
N ALA A 302 15.58 -19.54 34.51
CA ALA A 302 14.22 -20.03 34.59
C ALA A 302 14.15 -21.31 35.42
N VAL A 303 14.99 -22.29 35.07
CA VAL A 303 15.03 -23.57 35.76
C VAL A 303 15.44 -23.40 37.23
N ALA A 304 16.32 -22.44 37.47
CA ALA A 304 16.75 -22.13 38.83
C ALA A 304 15.56 -21.72 39.72
N PHE A 305 14.66 -20.93 39.18
CA PHE A 305 13.55 -20.38 39.96
C PHE A 305 12.36 -21.34 40.08
N PHE A 306 12.04 -22.04 39.01
CA PHE A 306 10.85 -22.89 38.98
C PHE A 306 11.15 -24.37 39.21
N GLY A 307 12.41 -24.75 39.09
CA GLY A 307 12.81 -26.12 39.32
C GLY A 307 12.96 -26.87 38.02
N VAL A 308 13.74 -27.95 38.05
CA VAL A 308 13.98 -28.76 36.86
C VAL A 308 12.70 -29.53 36.48
N ALA A 309 11.77 -29.62 37.43
CA ALA A 309 10.50 -30.28 37.21
C ALA A 309 9.64 -29.55 36.18
N ASN A 310 9.84 -28.25 36.04
CA ASN A 310 9.09 -27.46 35.07
C ASN A 310 9.95 -27.02 33.88
N ALA A 311 11.17 -27.55 33.81
CA ALA A 311 12.10 -27.19 32.74
C ALA A 311 11.55 -27.50 31.35
N VAL A 312 10.91 -28.66 31.20
CA VAL A 312 10.31 -29.04 29.93
C VAL A 312 9.13 -28.13 29.59
N ALA A 313 8.32 -27.84 30.60
CA ALA A 313 7.17 -26.95 30.42
C ALA A 313 7.62 -25.54 30.01
N ILE A 314 8.75 -25.10 30.58
CA ILE A 314 9.32 -23.81 30.26
C ILE A 314 9.79 -23.74 28.82
N ALA A 315 10.53 -24.77 28.39
CA ALA A 315 11.04 -24.82 27.02
C ALA A 315 9.89 -24.80 26.01
N LYS A 316 8.83 -25.54 26.30
CA LYS A 316 7.69 -25.63 25.39
C LYS A 316 6.87 -24.35 25.36
N ALA A 317 7.02 -23.50 26.37
CA ALA A 317 6.30 -22.23 26.42
C ALA A 317 6.90 -21.23 25.42
N GLY A 318 8.05 -21.59 24.87
CA GLY A 318 8.66 -20.81 23.80
C GLY A 318 9.63 -19.73 24.25
N ALA A 319 10.43 -19.27 23.30
CA ALA A 319 11.43 -18.25 23.55
C ALA A 319 10.79 -16.90 23.87
N PHE A 320 9.63 -16.61 23.27
CA PHE A 320 9.00 -15.33 23.49
C PHE A 320 8.47 -15.18 24.92
N ASN A 321 7.69 -16.16 25.38
CA ASN A 321 7.19 -16.15 26.75
C ASN A 321 8.33 -16.09 27.77
N LEU A 322 9.40 -16.82 27.48
CA LEU A 322 10.57 -16.87 28.36
C LEU A 322 11.17 -15.48 28.58
N GLY A 323 11.33 -14.73 27.49
CA GLY A 323 12.02 -13.45 27.55
C GLY A 323 11.17 -12.28 27.98
N PHE A 324 9.87 -12.32 27.68
CA PHE A 324 9.02 -11.16 27.93
C PHE A 324 8.01 -11.38 29.05
N ILE A 325 7.85 -12.64 29.49
CA ILE A 325 6.94 -12.93 30.58
C ILE A 325 7.63 -13.63 31.76
N THR A 326 8.28 -14.76 31.49
CA THR A 326 8.86 -15.59 32.54
C THR A 326 9.97 -14.90 33.32
N LEU A 327 11.03 -14.49 32.62
CA LEU A 327 12.17 -13.83 33.27
C LEU A 327 11.79 -12.54 33.99
N PRO A 328 10.91 -11.70 33.40
CA PRO A 328 10.49 -10.53 34.18
C PRO A 328 9.78 -10.91 35.49
N ALA A 329 9.05 -12.02 35.50
CA ALA A 329 8.41 -12.49 36.71
C ALA A 329 9.47 -12.90 37.74
N ILE A 330 10.48 -13.61 37.27
CA ILE A 330 11.59 -14.06 38.12
C ILE A 330 12.36 -12.88 38.69
N PHE A 331 12.54 -11.85 37.87
CA PHE A 331 13.25 -10.65 38.31
C PHE A 331 12.51 -9.91 39.42
N SER A 332 11.19 -10.01 39.44
CA SER A 332 10.42 -9.34 40.49
C SER A 332 10.49 -10.12 41.81
N GLN A 333 11.10 -11.29 41.77
CA GLN A 333 11.19 -12.17 42.92
C GLN A 333 12.64 -12.37 43.37
N THR A 334 13.56 -11.74 42.67
CA THR A 334 14.98 -11.81 43.02
C THR A 334 15.48 -10.49 43.61
N ALA A 335 16.56 -10.59 44.38
CA ALA A 335 17.16 -9.43 45.04
C ALA A 335 17.80 -8.46 44.05
N GLY A 336 17.34 -7.22 44.06
CA GLY A 336 17.81 -6.22 43.11
C GLY A 336 17.41 -6.59 41.69
N GLY A 337 16.26 -7.23 41.57
CA GLY A 337 15.71 -7.65 40.30
C GLY A 337 15.33 -6.50 39.40
N THR A 338 14.95 -5.38 39.99
CA THR A 338 14.51 -4.20 39.23
C THR A 338 15.64 -3.69 38.34
N PHE A 339 16.87 -3.64 38.88
CA PHE A 339 18.02 -3.30 38.05
C PHE A 339 18.41 -4.45 37.13
N LEU A 340 18.13 -5.68 37.56
CA LEU A 340 18.39 -6.85 36.74
C LEU A 340 17.53 -6.85 35.47
N GLY A 341 16.26 -6.52 35.64
CA GLY A 341 15.34 -6.43 34.51
C GLY A 341 15.77 -5.38 33.50
N PHE A 342 16.28 -4.26 33.99
CA PHE A 342 16.74 -3.20 33.12
C PHE A 342 17.89 -3.68 32.24
N LEU A 343 18.86 -4.35 32.86
CA LEU A 343 20.03 -4.85 32.12
C LEU A 343 19.64 -5.90 31.09
N TRP A 344 18.71 -6.78 31.47
CA TRP A 344 18.25 -7.82 30.56
C TRP A 344 17.62 -7.20 29.32
N PHE A 345 16.72 -6.24 29.53
CA PHE A 345 16.04 -5.62 28.40
C PHE A 345 16.90 -4.59 27.68
N PHE A 346 17.86 -4.00 28.40
CA PHE A 346 18.82 -3.11 27.76
C PHE A 346 19.70 -3.94 26.84
N LEU A 347 20.03 -5.16 27.28
CA LEU A 347 20.86 -6.07 26.50
C LEU A 347 20.17 -6.44 25.19
N LEU A 348 18.90 -6.80 25.29
CA LEU A 348 18.14 -7.21 24.12
C LEU A 348 17.96 -6.05 23.14
N PHE A 349 17.81 -4.84 23.68
CA PHE A 349 17.63 -3.64 22.86
C PHE A 349 18.83 -3.37 21.95
N PHE A 350 20.03 -3.35 22.54
CA PHE A 350 21.24 -3.13 21.76
C PHE A 350 21.49 -4.25 20.77
N ALA A 351 21.12 -5.47 21.17
CA ALA A 351 21.25 -6.61 20.29
C ALA A 351 20.33 -6.45 19.09
N GLY A 352 19.14 -5.91 19.34
CA GLY A 352 18.18 -5.69 18.27
C GLY A 352 18.56 -4.48 17.45
N LEU A 353 19.07 -3.45 18.11
CA LEU A 353 19.40 -2.21 17.44
C LEU A 353 20.54 -2.38 16.43
N THR A 354 21.47 -3.28 16.73
CA THR A 354 22.58 -3.53 15.81
C THR A 354 22.13 -4.41 14.65
N SER A 355 21.08 -5.21 14.85
CA SER A 355 20.48 -5.92 13.73
C SER A 355 19.58 -5.03 12.86
N SER A 356 18.80 -4.15 13.48
CA SER A 356 17.83 -3.36 12.73
C SER A 356 18.45 -2.32 11.81
N ILE A 357 19.55 -1.70 12.23
CA ILE A 357 20.21 -0.70 11.40
C ILE A 357 20.88 -1.36 10.21
N ALA A 358 21.11 -2.66 10.30
CA ALA A 358 21.69 -3.41 9.20
C ALA A 358 20.61 -3.79 8.20
N GLY A 359 19.44 -4.15 8.72
CA GLY A 359 18.34 -4.58 7.89
C GLY A 359 17.70 -3.43 7.11
N MET A 360 17.93 -2.21 7.57
CA MET A 360 17.39 -1.05 6.90
C MET A 360 18.42 -0.43 5.96
N GLN A 361 19.66 -0.87 6.10
CA GLN A 361 20.74 -0.42 5.22
C GLN A 361 20.51 -0.80 3.75
N GLY A 362 20.00 -2.01 3.52
CA GLY A 362 19.76 -2.49 2.18
C GLY A 362 18.85 -1.59 1.35
N MET A 363 17.83 -1.03 1.99
CA MET A 363 16.94 -0.09 1.31
C MET A 363 17.65 1.25 1.09
N ILE A 364 18.41 1.67 2.10
CA ILE A 364 19.20 2.90 2.03
C ILE A 364 20.22 2.81 0.90
N ALA A 365 20.83 1.65 0.75
CA ALA A 365 21.81 1.41 -0.30
C ALA A 365 21.17 1.50 -1.69
N PHE A 366 20.01 0.86 -1.85
CA PHE A 366 19.31 0.87 -3.13
C PHE A 366 18.95 2.30 -3.55
N LEU A 367 18.42 3.07 -2.60
CA LEU A 367 18.01 4.44 -2.88
C LEU A 367 19.23 5.30 -3.23
N GLU A 368 20.38 4.94 -2.67
CA GLU A 368 21.63 5.65 -2.96
C GLU A 368 22.26 5.19 -4.26
N ASP A 369 22.44 3.88 -4.41
CA ASP A 369 23.19 3.34 -5.54
C ASP A 369 22.44 3.39 -6.86
N GLU A 370 21.15 3.14 -6.83
CA GLU A 370 20.38 2.95 -8.07
C GLU A 370 19.50 4.13 -8.44
N LEU A 371 19.02 4.87 -7.43
CA LEU A 371 18.16 6.02 -7.70
C LEU A 371 18.89 7.32 -7.39
N LYS A 372 20.16 7.19 -6.99
CA LYS A 372 21.06 8.31 -6.77
C LYS A 372 20.53 9.35 -5.77
N LEU A 373 19.83 8.87 -4.75
CA LEU A 373 19.40 9.75 -3.66
C LEU A 373 20.55 10.02 -2.70
N SER A 374 20.48 11.15 -2.02
CA SER A 374 21.44 11.47 -0.96
C SER A 374 21.21 10.52 0.21
N ARG A 375 22.22 10.38 1.07
CA ARG A 375 22.11 9.51 2.22
C ARG A 375 20.98 9.94 3.15
N LYS A 376 20.83 11.25 3.32
CA LYS A 376 19.76 11.79 4.17
C LYS A 376 18.39 11.41 3.63
N HIS A 377 18.16 11.65 2.34
CA HIS A 377 16.90 11.30 1.70
C HIS A 377 16.65 9.79 1.71
N ALA A 378 17.69 9.03 1.41
CA ALA A 378 17.59 7.57 1.38
C ALA A 378 17.17 7.02 2.74
N VAL A 379 17.78 7.55 3.79
CA VAL A 379 17.48 7.09 5.15
C VAL A 379 16.06 7.47 5.54
N LEU A 380 15.70 8.72 5.32
CA LEU A 380 14.37 9.22 5.71
C LEU A 380 13.22 8.50 4.99
N TRP A 381 13.34 8.30 3.68
CA TRP A 381 12.27 7.62 2.94
C TRP A 381 12.18 6.16 3.36
N THR A 382 13.33 5.51 3.53
CA THR A 382 13.37 4.16 4.08
C THR A 382 12.68 4.11 5.44
N ALA A 383 13.03 5.03 6.32
CA ALA A 383 12.37 5.13 7.63
C ALA A 383 10.87 5.35 7.47
N ALA A 384 10.49 6.14 6.47
CA ALA A 384 9.09 6.42 6.20
C ALA A 384 8.33 5.15 5.82
N ILE A 385 8.90 4.39 4.90
CA ILE A 385 8.32 3.12 4.47
C ILE A 385 8.19 2.13 5.62
N VAL A 386 9.23 2.03 6.45
CA VAL A 386 9.21 1.10 7.57
C VAL A 386 8.21 1.54 8.65
N PHE A 387 8.21 2.83 8.98
CA PHE A 387 7.29 3.36 9.97
C PHE A 387 5.84 3.19 9.53
N PHE A 388 5.57 3.48 8.26
CA PHE A 388 4.22 3.33 7.72
C PHE A 388 3.77 1.87 7.79
N SER A 389 4.60 0.97 7.27
CA SER A 389 4.31 -0.46 7.24
C SER A 389 4.02 -1.04 8.62
N ALA A 390 4.67 -0.47 9.64
CA ALA A 390 4.62 -1.02 10.99
C ALA A 390 3.23 -0.88 11.63
N HIS A 391 2.43 0.08 11.15
CA HIS A 391 1.10 0.28 11.71
C HIS A 391 0.20 -0.93 11.48
N LEU A 392 0.53 -1.72 10.47
CA LEU A 392 -0.20 -2.96 10.21
C LEU A 392 0.15 -3.98 11.30
N VAL A 393 1.43 -4.02 11.67
CA VAL A 393 1.92 -4.93 12.69
C VAL A 393 1.42 -4.50 14.07
N MET A 394 1.35 -3.18 14.29
CA MET A 394 0.91 -2.63 15.56
C MET A 394 -0.60 -2.73 15.83
N PHE A 395 -1.43 -2.68 14.79
CA PHE A 395 -2.88 -2.58 15.00
C PHE A 395 -3.69 -3.80 14.54
N LEU A 396 -3.14 -4.57 13.60
CA LEU A 396 -3.87 -5.73 13.08
C LEU A 396 -3.30 -7.01 13.67
N ASN A 397 -4.12 -7.71 14.44
CA ASN A 397 -3.68 -8.91 15.14
C ASN A 397 -3.29 -10.02 14.17
N LYS A 398 -2.19 -10.71 14.51
CA LYS A 398 -1.65 -11.82 13.72
C LYS A 398 -1.14 -11.42 12.34
N SER A 399 -1.05 -10.11 12.09
CA SER A 399 -0.44 -9.62 10.86
C SER A 399 1.05 -9.91 10.87
N LEU A 400 1.63 -9.82 12.07
CA LEU A 400 3.04 -10.11 12.31
C LEU A 400 3.39 -11.54 11.91
N ASP A 401 2.57 -12.48 12.35
CA ASP A 401 2.73 -13.88 12.01
C ASP A 401 2.71 -14.09 10.50
N GLU A 402 1.85 -13.34 9.82
CA GLU A 402 1.69 -13.46 8.36
C GLU A 402 2.90 -12.93 7.59
N MET A 403 3.42 -11.78 8.03
CA MET A 403 4.63 -11.23 7.44
C MET A 403 5.84 -12.12 7.67
N ASP A 404 6.02 -12.54 8.92
CA ASP A 404 7.14 -13.38 9.31
C ASP A 404 7.15 -14.72 8.60
N PHE A 405 5.97 -15.22 8.25
CA PHE A 405 5.84 -16.53 7.64
C PHE A 405 6.37 -16.54 6.21
N TRP A 406 5.89 -15.60 5.40
CA TRP A 406 6.37 -15.47 4.03
C TRP A 406 7.83 -15.01 3.95
N ALA A 407 8.19 -14.07 4.81
CA ALA A 407 9.52 -13.45 4.76
C ALA A 407 10.64 -14.39 5.20
N THR A 408 10.46 -15.06 6.32
CA THR A 408 11.52 -15.91 6.86
C THR A 408 11.19 -17.41 6.84
N GLY A 409 9.91 -17.75 6.78
CA GLY A 409 9.50 -19.14 6.74
C GLY A 409 9.98 -19.86 5.49
N ILE A 410 9.75 -19.24 4.34
CA ILE A 410 10.19 -19.77 3.05
C ILE A 410 11.07 -18.77 2.31
N GLY A 411 10.85 -17.48 2.56
CA GLY A 411 11.47 -16.45 1.76
C GLY A 411 12.99 -16.42 1.79
N VAL A 412 13.57 -16.51 2.98
CA VAL A 412 15.03 -16.47 3.12
C VAL A 412 15.68 -17.73 2.53
N VAL A 413 15.05 -18.87 2.71
CA VAL A 413 15.59 -20.14 2.22
C VAL A 413 15.52 -20.21 0.70
N PHE A 414 14.37 -19.81 0.14
CA PHE A 414 14.21 -19.75 -1.31
C PHE A 414 15.21 -18.78 -1.91
N PHE A 415 15.30 -17.61 -1.28
CA PHE A 415 16.25 -16.59 -1.71
C PHE A 415 17.68 -17.06 -1.47
N GLY A 416 17.89 -17.85 -0.41
CA GLY A 416 19.19 -18.39 -0.11
C GLY A 416 19.65 -19.33 -1.21
N LEU A 417 18.73 -20.17 -1.67
CA LEU A 417 19.01 -21.10 -2.77
C LEU A 417 19.22 -20.34 -4.07
N THR A 418 18.48 -19.24 -4.22
CA THR A 418 18.59 -18.40 -5.41
C THR A 418 19.99 -17.80 -5.55
N GLU A 419 20.58 -17.44 -4.42
CA GLU A 419 21.93 -16.86 -4.41
C GLU A 419 22.97 -17.86 -4.89
N LEU A 420 22.88 -19.08 -4.37
CA LEU A 420 23.81 -20.15 -4.73
C LEU A 420 23.79 -20.42 -6.23
N ILE A 421 22.60 -20.70 -6.76
CA ILE A 421 22.44 -21.04 -8.16
C ILE A 421 22.94 -19.93 -9.08
N ILE A 422 22.54 -18.70 -8.80
CA ILE A 422 22.97 -17.54 -9.60
C ILE A 422 24.48 -17.33 -9.56
N PHE A 423 25.06 -17.35 -8.36
CA PHE A 423 26.50 -17.10 -8.20
C PHE A 423 27.36 -18.30 -8.60
N PHE A 424 27.03 -19.49 -8.11
CA PHE A 424 27.91 -20.64 -8.25
C PHE A 424 27.61 -21.53 -9.46
N TRP A 425 26.41 -21.43 -10.00
CA TRP A 425 26.07 -22.24 -11.18
C TRP A 425 25.93 -21.40 -12.45
N ILE A 426 25.15 -20.33 -12.38
CA ILE A 426 24.90 -19.48 -13.54
C ILE A 426 26.11 -18.59 -13.83
N PHE A 427 26.62 -17.94 -12.80
CA PHE A 427 27.78 -17.05 -12.95
C PHE A 427 29.05 -17.86 -13.20
N GLY A 428 29.05 -19.10 -12.71
CA GLY A 428 30.18 -19.99 -12.89
C GLY A 428 30.89 -20.29 -11.57
N ALA A 429 30.99 -21.58 -11.24
CA ALA A 429 31.60 -22.01 -9.99
C ALA A 429 33.07 -21.60 -9.90
N ASP A 430 33.77 -21.70 -11.02
CA ASP A 430 35.19 -21.34 -11.08
C ASP A 430 35.39 -19.83 -10.88
N LYS A 431 34.55 -19.03 -11.53
CA LYS A 431 34.64 -17.59 -11.40
C LYS A 431 34.24 -17.18 -9.98
N ALA A 432 33.27 -17.89 -9.42
CA ALA A 432 32.80 -17.64 -8.06
C ALA A 432 33.85 -17.99 -7.02
N TRP A 433 34.50 -19.13 -7.20
CA TRP A 433 35.53 -19.60 -6.27
C TRP A 433 36.71 -18.63 -6.20
N GLU A 434 37.13 -18.13 -7.35
CA GLU A 434 38.22 -17.16 -7.41
C GLU A 434 37.81 -15.86 -6.74
N GLU A 435 36.52 -15.54 -6.79
CA GLU A 435 36.00 -14.32 -6.20
C GLU A 435 36.03 -14.38 -4.68
N ILE A 436 35.75 -15.56 -4.13
CA ILE A 436 35.69 -15.72 -2.68
C ILE A 436 37.07 -15.63 -2.04
N ASN A 437 38.03 -16.34 -2.60
CA ASN A 437 39.37 -16.45 -2.02
C ASN A 437 40.29 -15.26 -2.30
N ARG A 438 39.93 -14.45 -3.30
CA ARG A 438 40.76 -13.31 -3.68
C ARG A 438 40.94 -12.34 -2.53
N GLY A 439 42.19 -12.01 -2.24
CA GLY A 439 42.53 -11.10 -1.16
C GLY A 439 42.40 -11.73 0.21
N GLY A 440 42.13 -13.04 0.24
CA GLY A 440 41.90 -13.75 1.48
C GLY A 440 43.16 -13.99 2.29
N ILE A 441 43.12 -13.57 3.55
CA ILE A 441 44.23 -13.77 4.48
C ILE A 441 44.49 -15.27 4.61
N ILE A 442 43.42 -16.03 4.72
CA ILE A 442 43.51 -17.48 4.63
C ILE A 442 42.70 -17.95 3.43
N LYS A 443 43.02 -19.12 2.90
CA LYS A 443 42.29 -19.65 1.76
C LYS A 443 41.21 -20.62 2.21
N VAL A 444 40.08 -20.62 1.51
CA VAL A 444 38.99 -21.53 1.80
C VAL A 444 39.42 -22.96 1.46
N PRO A 445 39.26 -23.89 2.42
CA PRO A 445 39.55 -25.30 2.20
C PRO A 445 38.96 -25.82 0.90
N ARG A 446 39.74 -26.56 0.12
CA ARG A 446 39.32 -26.97 -1.22
C ARG A 446 38.08 -27.87 -1.20
N ILE A 447 37.82 -28.49 -0.06
CA ILE A 447 36.69 -29.39 0.09
C ILE A 447 35.35 -28.63 -0.01
N TYR A 448 35.38 -27.34 0.33
CA TYR A 448 34.18 -26.52 0.32
C TYR A 448 33.66 -26.24 -1.10
N TYR A 449 34.52 -26.42 -2.10
CA TYR A 449 34.12 -26.24 -3.49
C TYR A 449 32.98 -27.20 -3.85
N TYR A 450 33.05 -28.41 -3.32
CA TYR A 450 32.02 -29.42 -3.56
C TYR A 450 30.82 -29.21 -2.64
N VAL A 451 31.08 -28.71 -1.43
CA VAL A 451 30.02 -28.43 -0.48
C VAL A 451 29.12 -27.30 -0.99
N MET A 452 29.74 -26.22 -1.45
CA MET A 452 29.02 -25.07 -1.97
C MET A 452 28.20 -25.42 -3.21
N ARG A 453 28.75 -26.30 -4.03
CA ARG A 453 28.15 -26.58 -5.34
C ARG A 453 27.05 -27.64 -5.28
N TYR A 454 27.16 -28.57 -4.34
CA TYR A 454 26.21 -29.67 -4.25
C TYR A 454 25.56 -29.81 -2.87
N ILE A 455 26.39 -29.93 -1.84
CA ILE A 455 25.88 -30.19 -0.49
C ILE A 455 25.01 -29.05 0.04
N THR A 456 25.49 -27.82 -0.09
CA THR A 456 24.76 -26.65 0.41
C THR A 456 23.42 -26.42 -0.33
N PRO A 457 23.40 -26.43 -1.68
CA PRO A 457 22.09 -26.25 -2.31
C PRO A 457 21.14 -27.44 -2.12
N ALA A 458 21.68 -28.64 -1.92
CA ALA A 458 20.84 -29.81 -1.67
C ALA A 458 20.14 -29.72 -0.32
N PHE A 459 20.88 -29.31 0.71
CA PHE A 459 20.31 -29.13 2.04
C PHE A 459 19.19 -28.10 1.99
N LEU A 460 19.45 -27.00 1.28
CA LEU A 460 18.48 -25.91 1.15
C LEU A 460 17.25 -26.37 0.35
N ALA A 461 17.48 -27.15 -0.70
CA ALA A 461 16.39 -27.63 -1.54
C ALA A 461 15.48 -28.59 -0.76
N VAL A 462 16.08 -29.37 0.14
CA VAL A 462 15.31 -30.25 1.01
C VAL A 462 14.38 -29.43 1.90
N LEU A 463 14.90 -28.32 2.42
CA LEU A 463 14.12 -27.41 3.25
C LEU A 463 12.93 -26.82 2.49
N LEU A 464 13.12 -26.59 1.19
CA LEU A 464 12.03 -26.10 0.34
C LEU A 464 10.95 -27.16 0.15
N VAL A 465 11.38 -28.41 -0.08
CA VAL A 465 10.42 -29.49 -0.33
C VAL A 465 9.60 -29.81 0.91
N VAL A 466 10.23 -29.83 2.09
CA VAL A 466 9.50 -30.09 3.32
C VAL A 466 8.52 -28.96 3.60
N TRP A 467 8.86 -27.73 3.23
CA TRP A 467 7.95 -26.60 3.35
C TRP A 467 6.72 -26.78 2.46
N ALA A 468 6.95 -27.21 1.21
CA ALA A 468 5.86 -27.33 0.24
C ALA A 468 4.85 -28.40 0.64
N ARG A 469 5.34 -29.56 1.05
CA ARG A 469 4.47 -30.66 1.46
C ARG A 469 3.75 -30.35 2.76
N GLU A 470 4.44 -29.67 3.67
CA GLU A 470 3.88 -29.33 4.98
C GLU A 470 2.76 -28.31 4.80
N TYR A 471 2.98 -27.37 3.88
CA TYR A 471 2.07 -26.25 3.66
C TYR A 471 1.51 -26.28 2.24
N THR A 479 -8.40 -20.20 5.83
CA THR A 479 -7.68 -18.99 6.22
C THR A 479 -8.65 -17.87 6.62
N HIS A 480 -8.45 -17.28 7.78
CA HIS A 480 -9.28 -16.14 8.20
C HIS A 480 -9.04 -14.98 7.25
N TRP A 481 -10.09 -14.21 6.98
CA TRP A 481 -10.06 -13.22 5.91
C TRP A 481 -9.08 -12.05 6.16
N THR A 482 -8.63 -11.89 7.41
CA THR A 482 -7.76 -10.76 7.74
C THR A 482 -6.33 -11.00 7.31
N VAL A 483 -5.97 -12.25 7.03
CA VAL A 483 -4.60 -12.52 6.58
C VAL A 483 -4.45 -11.99 5.17
N TRP A 484 -5.58 -11.87 4.47
CA TRP A 484 -5.59 -11.32 3.12
C TRP A 484 -5.22 -9.84 3.12
N ILE A 485 -5.45 -9.16 4.23
CA ILE A 485 -5.04 -7.77 4.37
C ILE A 485 -3.52 -7.67 4.37
N THR A 486 -2.88 -8.57 5.10
CA THR A 486 -1.43 -8.57 5.20
C THR A 486 -0.82 -9.07 3.90
N ARG A 487 -1.44 -10.09 3.32
CA ARG A 487 -1.01 -10.61 2.03
C ARG A 487 -1.18 -9.56 0.95
N PHE A 488 -2.27 -8.80 1.03
CA PHE A 488 -2.50 -7.69 0.11
C PHE A 488 -1.34 -6.70 0.12
N TYR A 489 -0.99 -6.22 1.31
CA TYR A 489 0.02 -5.20 1.44
C TYR A 489 1.42 -5.69 1.04
N ILE A 490 1.83 -6.85 1.52
CA ILE A 490 3.18 -7.31 1.24
C ILE A 490 3.31 -7.67 -0.24
N ILE A 491 2.20 -8.06 -0.87
CA ILE A 491 2.18 -8.21 -2.32
C ILE A 491 2.36 -6.85 -2.99
N GLY A 492 1.66 -5.85 -2.46
CA GLY A 492 1.81 -4.48 -2.92
C GLY A 492 3.22 -3.92 -2.78
N LEU A 493 3.90 -4.19 -1.67
CA LEU A 493 5.30 -3.79 -1.53
C LEU A 493 6.16 -4.34 -2.65
N PHE A 494 5.98 -5.62 -2.97
CA PHE A 494 6.76 -6.25 -4.02
C PHE A 494 6.49 -5.56 -5.35
N LEU A 495 5.24 -5.17 -5.58
CA LEU A 495 4.89 -4.44 -6.79
C LEU A 495 5.57 -3.06 -6.81
N PHE A 496 5.54 -2.40 -5.66
CA PHE A 496 6.14 -1.07 -5.51
C PHE A 496 7.65 -1.08 -5.70
N LEU A 497 8.31 -2.13 -5.19
CA LEU A 497 9.75 -2.23 -5.31
C LEU A 497 10.12 -2.58 -6.75
N THR A 498 9.28 -3.39 -7.39
CA THR A 498 9.44 -3.73 -8.79
C THR A 498 9.41 -2.46 -9.63
N PHE A 499 8.48 -1.56 -9.28
CA PHE A 499 8.36 -0.30 -10.00
C PHE A 499 9.61 0.57 -9.82
N LEU A 500 10.20 0.54 -8.62
CA LEU A 500 11.42 1.30 -8.36
C LEU A 500 12.62 0.73 -9.12
N VAL A 501 12.73 -0.59 -9.15
CA VAL A 501 13.74 -1.26 -9.95
C VAL A 501 13.55 -0.88 -11.42
N PHE A 502 12.29 -0.83 -11.84
CA PHE A 502 11.93 -0.43 -13.19
C PHE A 502 12.39 1.00 -13.47
N LEU A 503 12.10 1.91 -12.53
CA LEU A 503 12.54 3.31 -12.66
C LEU A 503 14.05 3.43 -12.65
N ALA A 504 14.73 2.50 -11.98
CA ALA A 504 16.18 2.51 -11.90
C ALA A 504 16.82 2.21 -13.26
N GLU A 505 16.40 1.13 -13.90
CA GLU A 505 16.96 0.75 -15.19
C GLU A 505 16.59 1.74 -16.30
N ARG A 506 15.51 2.49 -16.10
CA ARG A 506 15.09 3.50 -17.07
C ARG A 506 15.89 4.80 -16.91
N ARG A 507 16.24 5.13 -15.66
CA ARG A 507 17.04 6.31 -15.39
C ARG A 507 18.46 6.12 -15.91
N ARG A 508 18.91 4.87 -15.95
CA ARG A 508 20.25 4.52 -16.42
C ARG A 508 20.37 4.57 -17.95
N ASN A 509 19.28 4.24 -18.65
CA ASN A 509 19.27 4.32 -20.11
C ASN A 509 19.33 5.76 -20.60
N HIS A 510 18.75 6.67 -19.81
CA HIS A 510 18.76 8.09 -20.13
C HIS A 510 20.17 8.67 -20.01
N GLU A 511 20.84 8.37 -18.89
CA GLU A 511 22.22 8.82 -18.68
C GLU A 511 23.22 7.78 -19.16
N ARG B 5 5.23 16.74 -27.58
CA ARG B 5 4.03 16.50 -26.79
C ARG B 5 2.80 16.30 -27.67
N GLU B 6 1.95 15.35 -27.29
CA GLU B 6 0.72 15.09 -28.02
C GLU B 6 -0.21 16.29 -28.01
N HIS B 7 -1.06 16.39 -29.04
CA HIS B 7 -2.08 17.43 -29.10
C HIS B 7 -3.38 16.85 -29.63
N TRP B 8 -4.48 17.55 -29.37
CA TRP B 8 -5.76 17.17 -29.94
C TRP B 8 -5.74 17.49 -31.43
N ALA B 9 -6.20 16.55 -32.24
CA ALA B 9 -6.14 16.72 -33.69
C ALA B 9 -7.18 17.72 -34.18
N THR B 10 -8.44 17.51 -33.77
CA THR B 10 -9.54 18.34 -34.22
C THR B 10 -10.25 19.01 -33.06
N ARG B 11 -10.79 20.20 -33.32
CA ARG B 11 -11.53 20.96 -32.32
C ARG B 11 -12.80 20.21 -31.88
N LEU B 12 -13.44 19.52 -32.81
CA LEU B 12 -14.62 18.73 -32.49
C LEU B 12 -14.25 17.58 -31.56
N GLY B 13 -13.18 16.87 -31.91
CA GLY B 13 -12.68 15.77 -31.10
C GLY B 13 -12.35 16.17 -29.67
N LEU B 14 -11.70 17.32 -29.51
CA LEU B 14 -11.39 17.86 -28.19
C LEU B 14 -12.65 18.06 -27.36
N ILE B 15 -13.64 18.70 -27.97
CA ILE B 15 -14.91 18.99 -27.30
C ILE B 15 -15.65 17.70 -26.91
N LEU B 16 -15.65 16.73 -27.82
CA LEU B 16 -16.36 15.47 -27.57
C LEU B 16 -15.65 14.65 -26.49
N ALA B 17 -14.34 14.79 -26.42
CA ALA B 17 -13.55 14.12 -25.39
C ALA B 17 -13.84 14.74 -24.02
N MET B 18 -13.86 16.07 -23.99
CA MET B 18 -14.18 16.81 -22.77
C MET B 18 -15.60 16.57 -22.31
N ALA B 19 -16.53 16.47 -23.27
CA ALA B 19 -17.92 16.18 -22.97
C ALA B 19 -18.06 14.74 -22.50
N GLY B 20 -17.30 13.85 -23.12
CA GLY B 20 -17.31 12.44 -22.79
C GLY B 20 -16.90 12.18 -21.36
N TYR B 21 -15.99 13.00 -20.84
CA TYR B 21 -15.60 12.93 -19.44
C TYR B 21 -16.76 13.34 -18.53
N ALA B 22 -17.32 14.52 -18.79
CA ALA B 22 -18.41 15.07 -17.99
C ALA B 22 -19.63 14.14 -17.94
N VAL B 23 -20.06 13.66 -19.10
CA VAL B 23 -21.23 12.80 -19.20
C VAL B 23 -20.94 11.36 -18.72
N ASP B 24 -21.69 10.94 -17.71
CA ASP B 24 -21.57 9.57 -17.20
C ASP B 24 -22.91 9.09 -16.65
N LEU B 25 -22.85 8.14 -15.72
CA LEU B 25 -24.05 7.59 -15.09
C LEU B 25 -24.86 8.68 -14.39
N GLY B 26 -24.17 9.67 -13.84
CA GLY B 26 -24.83 10.74 -13.11
C GLY B 26 -25.85 11.50 -13.92
N ASN B 27 -25.55 11.69 -15.20
CA ASN B 27 -26.44 12.40 -16.12
C ASN B 27 -27.81 11.74 -16.21
N PHE B 28 -27.82 10.41 -16.19
CA PHE B 28 -29.03 9.64 -16.40
C PHE B 28 -29.65 9.12 -15.09
N LEU B 29 -28.92 9.25 -13.99
CA LEU B 29 -29.40 8.71 -12.72
C LEU B 29 -29.38 9.71 -11.57
N ARG B 30 -28.21 10.26 -11.27
CA ARG B 30 -28.06 11.12 -10.10
C ARG B 30 -28.84 12.41 -10.23
N PHE B 31 -28.61 13.14 -11.32
CA PHE B 31 -29.26 14.42 -11.57
C PHE B 31 -30.80 14.35 -11.58
N PRO B 32 -31.41 13.36 -12.27
CA PRO B 32 -32.88 13.30 -12.20
C PRO B 32 -33.42 13.07 -10.79
N VAL B 33 -32.68 12.33 -9.97
CA VAL B 33 -33.12 12.07 -8.59
C VAL B 33 -32.90 13.31 -7.73
N GLN B 34 -31.81 14.03 -7.96
CA GLN B 34 -31.51 15.26 -7.24
C GLN B 34 -32.60 16.30 -7.48
N ALA B 35 -33.08 16.36 -8.72
CA ALA B 35 -34.11 17.33 -9.10
C ALA B 35 -35.45 17.02 -8.45
N ALA B 36 -35.84 15.76 -8.47
CA ALA B 36 -37.12 15.34 -7.89
C ALA B 36 -37.20 15.59 -6.38
N GLU B 37 -36.08 15.45 -5.69
CA GLU B 37 -36.05 15.62 -4.24
C GLU B 37 -35.86 17.06 -3.80
N ASN B 38 -35.56 17.95 -4.74
CA ASN B 38 -35.29 19.34 -4.38
C ASN B 38 -36.07 20.36 -5.21
N GLY B 39 -37.37 20.16 -5.35
CA GLY B 39 -38.23 21.17 -5.93
C GLY B 39 -38.65 20.93 -7.35
N GLY B 40 -38.26 19.79 -7.91
CA GLY B 40 -38.60 19.46 -9.28
C GLY B 40 -38.03 20.44 -10.28
N GLY B 41 -38.90 21.17 -10.95
CA GLY B 41 -38.47 22.17 -11.93
C GLY B 41 -37.88 23.40 -11.27
N ALA B 42 -38.30 23.65 -10.03
CA ALA B 42 -37.79 24.79 -9.26
C ALA B 42 -36.31 24.62 -8.94
N PHE B 43 -35.86 23.38 -8.90
CA PHE B 43 -34.44 23.06 -8.67
C PHE B 43 -33.55 23.66 -9.75
N MET B 44 -34.12 23.95 -10.90
CA MET B 44 -33.36 24.58 -11.98
C MET B 44 -32.94 25.99 -11.65
N ILE B 45 -33.67 26.65 -10.75
CA ILE B 45 -33.32 28.01 -10.36
C ILE B 45 -31.94 28.03 -9.68
N PRO B 46 -31.75 27.23 -8.61
CA PRO B 46 -30.39 27.26 -8.05
C PRO B 46 -29.35 26.50 -8.89
N TYR B 47 -29.81 25.58 -9.72
CA TYR B 47 -28.90 24.75 -10.52
C TYR B 47 -28.22 25.58 -11.60
N ILE B 48 -28.99 26.42 -12.27
CA ILE B 48 -28.46 27.28 -13.33
C ILE B 48 -27.57 28.36 -12.72
N ILE B 49 -27.97 28.86 -11.55
CA ILE B 49 -27.19 29.84 -10.82
C ILE B 49 -25.81 29.27 -10.46
N ALA B 50 -25.81 28.05 -9.92
CA ALA B 50 -24.56 27.37 -9.58
C ALA B 50 -23.71 27.14 -10.81
N PHE B 51 -24.37 26.82 -11.93
CA PHE B 51 -23.69 26.62 -13.19
C PHE B 51 -22.99 27.89 -13.63
N LEU B 52 -23.61 29.03 -13.35
CA LEU B 52 -23.11 30.33 -13.79
C LEU B 52 -22.07 30.92 -12.86
N LEU B 53 -22.23 30.70 -11.55
CA LEU B 53 -21.34 31.31 -10.58
C LEU B 53 -20.20 30.38 -10.16
N VAL B 54 -20.39 29.07 -10.31
CA VAL B 54 -19.40 28.11 -9.84
C VAL B 54 -18.83 27.22 -10.95
N GLY B 55 -19.70 26.47 -11.62
CA GLY B 55 -19.28 25.53 -12.64
C GLY B 55 -18.45 26.13 -13.76
N ILE B 56 -19.04 27.08 -14.49
CA ILE B 56 -18.38 27.74 -15.61
C ILE B 56 -17.09 28.48 -15.21
N PRO B 57 -17.09 29.27 -14.11
CA PRO B 57 -15.84 29.94 -13.77
C PRO B 57 -14.70 28.97 -13.49
N LEU B 58 -15.00 27.93 -12.71
CA LEU B 58 -13.99 26.95 -12.31
C LEU B 58 -13.48 26.14 -13.49
N MET B 59 -14.40 25.78 -14.39
CA MET B 59 -14.05 24.99 -15.56
C MET B 59 -13.11 25.75 -16.49
N TRP B 60 -13.37 27.04 -16.70
CA TRP B 60 -12.49 27.89 -17.49
C TRP B 60 -11.09 27.94 -16.88
N ILE B 61 -11.05 28.06 -15.56
CA ILE B 61 -9.78 28.13 -14.82
C ILE B 61 -8.96 26.85 -14.96
N GLU B 62 -9.63 25.71 -14.85
CA GLU B 62 -8.93 24.43 -15.01
C GLU B 62 -8.43 24.27 -16.45
N TRP B 63 -9.22 24.75 -17.42
CA TRP B 63 -8.81 24.74 -18.82
C TRP B 63 -7.57 25.61 -19.02
N ALA B 64 -7.54 26.75 -18.34
CA ALA B 64 -6.44 27.70 -18.45
C ALA B 64 -5.14 27.13 -17.84
N MET B 65 -5.25 26.57 -16.63
CA MET B 65 -4.10 25.98 -15.95
C MET B 65 -3.55 24.81 -16.76
N GLY B 66 -4.45 24.06 -17.38
CA GLY B 66 -4.05 22.94 -18.22
C GLY B 66 -3.24 23.40 -19.41
N ARG B 67 -3.79 24.35 -20.16
CA ARG B 67 -3.12 24.86 -21.35
C ARG B 67 -1.83 25.58 -20.99
N TYR B 68 -1.85 26.31 -19.88
CA TYR B 68 -0.67 27.01 -19.40
C TYR B 68 0.45 26.03 -19.07
N GLY B 69 0.09 24.94 -18.39
CA GLY B 69 1.06 23.94 -17.99
C GLY B 69 1.53 23.09 -19.16
N GLY B 70 0.60 22.75 -20.05
CA GLY B 70 0.91 21.93 -21.21
C GLY B 70 1.92 22.58 -22.13
N ALA B 71 1.91 23.90 -22.17
CA ALA B 71 2.83 24.66 -23.01
C ALA B 71 4.28 24.42 -22.60
N GLN B 72 4.49 24.16 -21.31
CA GLN B 72 5.82 23.95 -20.77
C GLN B 72 6.11 22.47 -20.56
N GLY B 73 5.21 21.61 -21.06
CA GLY B 73 5.43 20.19 -21.05
C GLY B 73 4.95 19.48 -19.80
N HIS B 74 4.03 20.10 -19.07
CA HIS B 74 3.54 19.55 -17.81
C HIS B 74 2.02 19.48 -17.78
N GLY B 75 1.49 18.27 -17.64
CA GLY B 75 0.04 18.06 -17.67
C GLY B 75 -0.61 17.85 -16.32
N THR B 76 0.19 17.78 -15.27
CA THR B 76 -0.33 17.47 -13.94
C THR B 76 -0.12 18.61 -12.94
N THR B 77 -0.98 18.65 -11.93
CA THR B 77 -0.95 19.70 -10.92
C THR B 77 0.28 19.78 -10.00
N PRO B 78 0.98 18.65 -9.75
CA PRO B 78 2.21 18.86 -8.96
C PRO B 78 3.22 19.78 -9.65
N ALA B 79 3.32 19.66 -10.97
CA ALA B 79 4.25 20.49 -11.73
C ALA B 79 3.67 21.87 -12.02
N ILE B 80 2.37 21.90 -12.34
CA ILE B 80 1.69 23.15 -12.69
C ILE B 80 1.54 24.08 -11.49
N PHE B 81 1.14 23.55 -10.34
CA PHE B 81 1.02 24.36 -9.13
C PHE B 81 2.36 25.03 -8.77
N TYR B 82 3.46 24.36 -9.11
CA TYR B 82 4.80 24.89 -8.85
C TYR B 82 5.14 26.01 -9.83
N LEU B 83 4.58 25.92 -11.05
CA LEU B 83 4.78 26.96 -12.06
C LEU B 83 3.99 28.20 -11.70
N LEU B 84 2.82 27.99 -11.11
CA LEU B 84 1.95 29.09 -10.68
C LEU B 84 2.43 29.65 -9.35
N TRP B 85 3.16 28.83 -8.59
CA TRP B 85 3.58 29.17 -7.24
C TRP B 85 4.88 28.47 -6.88
N ARG B 86 6.00 29.16 -7.02
CA ARG B 86 7.31 28.58 -6.70
C ARG B 86 7.48 28.32 -5.21
N ASN B 87 6.86 27.25 -4.74
CA ASN B 87 6.93 26.88 -3.33
C ASN B 87 6.88 25.36 -3.18
N ARG B 88 7.49 24.85 -2.12
CA ARG B 88 7.49 23.42 -1.86
C ARG B 88 6.08 22.93 -1.53
N PHE B 89 5.35 23.75 -0.77
CA PHE B 89 4.00 23.41 -0.35
C PHE B 89 3.06 23.27 -1.55
N ALA B 90 3.45 23.87 -2.67
CA ALA B 90 2.66 23.83 -3.90
C ALA B 90 2.76 22.46 -4.58
N LYS B 91 3.93 21.85 -4.50
CA LYS B 91 4.13 20.53 -5.08
C LYS B 91 3.35 19.47 -4.29
N ILE B 92 3.28 19.64 -2.97
CA ILE B 92 2.57 18.69 -2.11
C ILE B 92 1.07 18.76 -2.35
N LEU B 93 0.54 19.98 -2.42
CA LEU B 93 -0.86 20.19 -2.73
C LEU B 93 -1.20 19.68 -4.13
N GLY B 94 -0.21 19.69 -5.01
CA GLY B 94 -0.39 19.20 -6.37
C GLY B 94 -0.60 17.70 -6.40
N VAL B 95 0.04 17.00 -5.48
CA VAL B 95 -0.11 15.55 -5.32
C VAL B 95 -1.58 15.14 -5.17
N PHE B 96 -2.37 15.99 -4.52
CA PHE B 96 -3.80 15.71 -4.30
C PHE B 96 -4.55 15.55 -5.62
N GLY B 97 -4.15 16.33 -6.63
CA GLY B 97 -4.79 16.27 -7.94
C GLY B 97 -4.35 15.06 -8.73
N LEU B 98 -3.39 14.34 -8.17
CA LEU B 98 -2.91 13.10 -8.76
C LEU B 98 -3.53 11.94 -7.97
N TRP B 99 -3.81 12.23 -6.70
CA TRP B 99 -4.35 11.25 -5.75
C TRP B 99 -5.85 11.02 -5.93
N ILE B 100 -6.61 12.11 -6.01
CA ILE B 100 -8.07 12.04 -6.14
C ILE B 100 -8.57 11.19 -7.30
N PRO B 101 -8.13 11.46 -8.55
CA PRO B 101 -8.68 10.63 -9.62
C PRO B 101 -8.24 9.17 -9.52
N LEU B 102 -7.10 8.95 -8.89
CA LEU B 102 -6.54 7.62 -8.73
C LEU B 102 -7.34 6.83 -7.69
N VAL B 103 -7.76 7.52 -6.62
CA VAL B 103 -8.65 6.91 -5.63
C VAL B 103 -10.01 6.59 -6.26
N VAL B 104 -10.53 7.51 -7.06
CA VAL B 104 -11.79 7.28 -7.76
C VAL B 104 -11.66 6.07 -8.70
N ALA B 105 -10.53 5.99 -9.39
CA ALA B 105 -10.25 4.90 -10.31
C ALA B 105 -10.43 3.52 -9.67
N SER B 106 -10.14 3.43 -8.37
CA SER B 106 -10.20 2.16 -7.65
C SER B 106 -11.61 1.58 -7.59
N TYR B 107 -12.63 2.44 -7.52
CA TYR B 107 -14.01 1.95 -7.53
C TYR B 107 -14.81 2.28 -8.79
N TYR B 108 -14.44 3.35 -9.51
CA TYR B 108 -15.21 3.78 -10.66
C TYR B 108 -15.19 2.75 -11.79
N VAL B 109 -13.99 2.39 -12.24
CA VAL B 109 -13.83 1.45 -13.33
C VAL B 109 -14.52 0.11 -13.04
N TYR B 110 -14.57 -0.24 -11.76
CA TYR B 110 -15.25 -1.47 -11.34
C TYR B 110 -16.76 -1.38 -11.51
N ILE B 111 -17.35 -0.29 -11.00
CA ILE B 111 -18.80 -0.07 -11.17
C ILE B 111 -19.11 0.02 -12.66
N GLU B 112 -18.15 0.54 -13.42
CA GLU B 112 -18.28 0.59 -14.87
C GLU B 112 -18.40 -0.82 -15.44
N SER B 113 -17.64 -1.75 -14.87
CA SER B 113 -17.64 -3.13 -15.34
C SER B 113 -18.99 -3.79 -15.07
N TRP B 114 -19.69 -3.33 -14.04
CA TRP B 114 -21.00 -3.88 -13.69
C TRP B 114 -21.98 -3.68 -14.83
N THR B 115 -21.99 -2.47 -15.38
CA THR B 115 -22.87 -2.13 -16.49
C THR B 115 -22.56 -3.01 -17.71
N LEU B 116 -21.27 -3.18 -18.00
CA LEU B 116 -20.86 -4.03 -19.12
C LEU B 116 -21.36 -5.46 -18.91
N GLY B 117 -21.17 -5.97 -17.70
CA GLY B 117 -21.61 -7.30 -17.34
C GLY B 117 -23.12 -7.44 -17.44
N PHE B 118 -23.84 -6.44 -16.94
CA PHE B 118 -25.30 -6.44 -16.98
C PHE B 118 -25.79 -6.35 -18.42
N ALA B 119 -25.05 -5.62 -19.25
CA ALA B 119 -25.36 -5.51 -20.66
C ALA B 119 -25.24 -6.87 -21.34
N ILE B 120 -24.21 -7.62 -20.96
CA ILE B 120 -23.97 -8.95 -21.51
C ILE B 120 -25.02 -9.95 -21.02
N LYS B 121 -25.35 -9.86 -19.73
CA LYS B 121 -26.34 -10.76 -19.13
C LYS B 121 -27.72 -10.56 -19.76
N PHE B 122 -28.12 -9.31 -19.95
CA PHE B 122 -29.39 -8.99 -20.60
C PHE B 122 -29.44 -9.46 -22.05
N LEU B 123 -28.35 -9.24 -22.78
CA LEU B 123 -28.29 -9.56 -24.20
C LEU B 123 -28.47 -11.06 -24.45
N VAL B 124 -27.86 -11.89 -23.62
CA VAL B 124 -27.93 -13.34 -23.79
C VAL B 124 -29.03 -13.95 -22.93
N GLY B 125 -29.76 -13.10 -22.21
CA GLY B 125 -30.94 -13.56 -21.48
C GLY B 125 -30.68 -14.20 -20.12
N LEU B 126 -29.49 -14.01 -19.58
CA LEU B 126 -29.15 -14.55 -18.27
C LEU B 126 -29.64 -13.64 -17.13
N VAL B 127 -30.91 -13.27 -17.18
CA VAL B 127 -31.49 -12.36 -16.18
C VAL B 127 -32.72 -12.99 -15.55
N PRO B 128 -33.07 -12.57 -14.32
CA PRO B 128 -34.28 -13.06 -13.65
C PRO B 128 -35.54 -12.76 -14.46
N GLU B 129 -36.58 -13.58 -14.27
CA GLU B 129 -37.83 -13.41 -14.99
C GLU B 129 -39.04 -13.59 -14.08
N PRO B 130 -39.37 -12.56 -13.29
CA PRO B 130 -40.56 -12.57 -12.44
C PRO B 130 -41.85 -12.64 -13.27
N PRO B 131 -42.98 -13.04 -12.67
CA PRO B 131 -43.17 -13.45 -11.28
C PRO B 131 -42.55 -14.80 -10.96
N THR B 135 -47.59 -8.78 -10.53
CA THR B 135 -48.24 -8.94 -9.24
C THR B 135 -48.01 -7.71 -8.36
N ASP B 136 -47.05 -7.80 -7.44
CA ASP B 136 -46.75 -6.71 -6.52
C ASP B 136 -45.32 -6.24 -6.70
N PRO B 137 -45.05 -4.94 -6.44
CA PRO B 137 -43.73 -4.34 -6.66
C PRO B 137 -42.56 -5.12 -6.04
N ASP B 138 -42.70 -5.55 -4.78
CA ASP B 138 -41.61 -6.26 -4.12
C ASP B 138 -41.42 -7.64 -4.71
N SER B 139 -42.45 -8.17 -5.35
CA SER B 139 -42.37 -9.47 -6.01
C SER B 139 -41.62 -9.37 -7.34
N ILE B 140 -41.47 -8.15 -7.83
CA ILE B 140 -40.75 -7.91 -9.08
C ILE B 140 -39.34 -7.41 -8.82
N LEU B 141 -39.20 -6.59 -7.77
CA LEU B 141 -37.93 -5.93 -7.46
C LEU B 141 -36.93 -6.85 -6.77
N ARG B 142 -37.39 -7.66 -5.84
CA ARG B 142 -36.51 -8.55 -5.08
C ARG B 142 -35.68 -9.52 -5.94
N PRO B 143 -36.27 -10.14 -6.98
CA PRO B 143 -35.44 -11.02 -7.82
C PRO B 143 -34.25 -10.29 -8.49
N PHE B 144 -34.41 -9.01 -8.76
CA PHE B 144 -33.35 -8.21 -9.36
C PHE B 144 -32.45 -7.57 -8.28
N LYS B 145 -33.01 -7.39 -7.09
CA LYS B 145 -32.23 -6.96 -5.94
C LYS B 145 -31.23 -8.05 -5.56
N GLU B 146 -31.69 -9.29 -5.65
CA GLU B 146 -30.87 -10.45 -5.36
C GLU B 146 -29.92 -10.76 -6.52
N PHE B 147 -30.31 -10.40 -7.73
CA PHE B 147 -29.48 -10.63 -8.91
C PHE B 147 -28.23 -9.75 -8.85
N LEU B 148 -28.41 -8.52 -8.38
CA LEU B 148 -27.32 -7.56 -8.30
C LEU B 148 -26.37 -7.90 -7.16
N TYR B 149 -26.93 -8.32 -6.04
CA TYR B 149 -26.13 -8.65 -4.85
C TYR B 149 -25.27 -9.89 -5.09
N SER B 150 -25.75 -10.79 -5.93
CA SER B 150 -24.98 -11.99 -6.27
C SER B 150 -23.85 -11.65 -7.22
N TYR B 151 -24.04 -10.57 -7.99
CA TYR B 151 -23.01 -10.11 -8.90
C TYR B 151 -21.91 -9.40 -8.11
N ILE B 152 -22.32 -8.54 -7.18
CA ILE B 152 -21.39 -7.80 -6.34
C ILE B 152 -20.78 -8.69 -5.26
N GLY B 153 -21.60 -9.55 -4.69
CA GLY B 153 -21.19 -10.38 -3.58
C GLY B 153 -21.48 -9.70 -2.24
N VAL B 154 -22.60 -8.98 -2.19
CA VAL B 154 -23.06 -8.32 -0.98
C VAL B 154 -23.17 -9.30 0.17
N PRO B 155 -22.52 -8.98 1.30
CA PRO B 155 -22.48 -9.83 2.50
C PRO B 155 -23.85 -10.30 2.97
N LYS B 156 -24.00 -11.61 3.09
CA LYS B 156 -25.23 -12.20 3.60
C LYS B 156 -25.10 -12.48 5.10
N GLY B 157 -23.88 -12.33 5.60
CA GLY B 157 -23.60 -12.49 7.02
C GLY B 157 -23.21 -11.16 7.64
N ASP B 158 -22.62 -11.22 8.83
CA ASP B 158 -22.21 -10.00 9.53
C ASP B 158 -20.84 -9.52 9.07
N GLU B 159 -20.08 -10.42 8.44
CA GLU B 159 -18.73 -10.09 7.97
C GLU B 159 -18.75 -8.97 6.94
N PRO B 160 -17.70 -8.14 6.92
CA PRO B 160 -17.55 -7.08 5.93
C PRO B 160 -16.82 -7.58 4.69
N ILE B 161 -17.16 -8.78 4.24
CA ILE B 161 -16.47 -9.41 3.13
C ILE B 161 -17.39 -9.57 1.91
N LEU B 162 -16.93 -9.06 0.78
CA LEU B 162 -17.65 -9.21 -0.47
C LEU B 162 -17.14 -10.45 -1.20
N LYS B 163 -18.06 -11.17 -1.84
CA LYS B 163 -17.66 -12.31 -2.65
C LYS B 163 -18.22 -12.18 -4.05
N PRO B 164 -17.55 -11.39 -4.89
CA PRO B 164 -18.02 -11.17 -6.26
C PRO B 164 -18.02 -12.47 -7.04
N SER B 165 -18.93 -12.58 -8.00
CA SER B 165 -18.97 -13.76 -8.85
C SER B 165 -17.75 -13.79 -9.75
N LEU B 166 -17.38 -14.98 -10.22
CA LEU B 166 -16.28 -15.10 -11.17
C LEU B 166 -16.56 -14.29 -12.45
N PHE B 167 -17.83 -14.26 -12.86
CA PHE B 167 -18.23 -13.49 -14.03
C PHE B 167 -17.94 -12.01 -13.82
N ALA B 168 -18.28 -11.49 -12.65
CA ALA B 168 -18.06 -10.09 -12.32
C ALA B 168 -16.57 -9.75 -12.33
N TYR B 169 -15.76 -10.64 -11.79
CA TYR B 169 -14.31 -10.44 -11.76
C TYR B 169 -13.73 -10.45 -13.17
N ILE B 170 -14.20 -11.38 -14.00
CA ILE B 170 -13.71 -11.50 -15.37
C ILE B 170 -14.12 -10.31 -16.24
N VAL B 171 -15.36 -9.86 -16.11
CA VAL B 171 -15.81 -8.68 -16.84
C VAL B 171 -15.00 -7.45 -16.42
N PHE B 172 -14.61 -7.40 -15.15
CA PHE B 172 -13.76 -6.32 -14.65
C PHE B 172 -12.41 -6.36 -15.33
N LEU B 173 -11.89 -7.56 -15.55
CA LEU B 173 -10.65 -7.73 -16.30
C LEU B 173 -10.82 -7.21 -17.72
N ILE B 174 -11.89 -7.65 -18.38
CA ILE B 174 -12.21 -7.20 -19.73
C ILE B 174 -12.37 -5.68 -19.77
N THR B 175 -13.07 -5.13 -18.78
CA THR B 175 -13.24 -3.67 -18.68
C THR B 175 -11.90 -2.95 -18.56
N MET B 176 -11.02 -3.48 -17.70
CA MET B 176 -9.67 -2.94 -17.56
C MET B 176 -8.94 -3.00 -18.89
N PHE B 177 -9.09 -4.12 -19.60
CA PHE B 177 -8.42 -4.32 -20.87
C PHE B 177 -8.89 -3.30 -21.92
N ILE B 178 -10.21 -3.14 -22.02
CA ILE B 178 -10.81 -2.17 -22.92
C ILE B 178 -10.26 -0.76 -22.69
N ASN B 179 -10.15 -0.37 -21.42
CA ASN B 179 -9.57 0.91 -21.04
C ASN B 179 -8.12 1.08 -21.50
N VAL B 180 -7.31 0.04 -21.29
CA VAL B 180 -5.92 0.07 -21.72
C VAL B 180 -5.81 0.19 -23.24
N SER B 181 -6.65 -0.56 -23.96
CA SER B 181 -6.65 -0.57 -25.42
C SER B 181 -6.77 0.83 -26.01
N ILE B 182 -7.69 1.61 -25.48
CA ILE B 182 -7.90 2.97 -25.94
C ILE B 182 -6.76 3.90 -25.49
N LEU B 183 -6.41 3.80 -24.20
CA LEU B 183 -5.44 4.70 -23.59
C LEU B 183 -4.03 4.58 -24.17
N ILE B 184 -3.69 3.36 -24.58
CA ILE B 184 -2.33 3.08 -25.06
C ILE B 184 -2.14 3.60 -26.48
N ARG B 185 -3.22 3.99 -27.12
CA ARG B 185 -3.17 4.56 -28.47
C ARG B 185 -3.00 6.08 -28.44
N GLY B 186 -3.00 6.64 -27.23
CA GLY B 186 -2.69 8.05 -27.07
C GLY B 186 -3.88 8.98 -26.98
N ILE B 187 -3.61 10.28 -27.09
CA ILE B 187 -4.63 11.30 -26.99
C ILE B 187 -5.53 11.33 -28.23
N SER B 188 -4.95 11.64 -29.39
CA SER B 188 -5.72 11.80 -30.61
C SER B 188 -6.19 10.48 -31.19
N LYS B 189 -5.26 9.57 -31.42
CA LYS B 189 -5.56 8.28 -32.03
C LYS B 189 -6.22 7.30 -31.07
N GLY B 190 -6.37 7.73 -29.81
CA GLY B 190 -6.99 6.86 -28.82
C GLY B 190 -8.22 7.49 -28.18
N ILE B 191 -8.00 8.42 -27.26
CA ILE B 191 -9.09 9.05 -26.53
C ILE B 191 -9.99 9.87 -27.45
N GLU B 192 -9.37 10.72 -28.26
CA GLU B 192 -10.10 11.58 -29.20
C GLU B 192 -10.83 10.76 -30.27
N ARG B 193 -10.16 9.75 -30.79
CA ARG B 193 -10.76 8.88 -31.80
C ARG B 193 -11.97 8.15 -31.22
N PHE B 194 -11.85 7.68 -29.97
CA PHE B 194 -12.94 6.97 -29.32
C PHE B 194 -14.11 7.90 -28.99
N ALA B 195 -13.82 9.16 -28.70
CA ALA B 195 -14.84 10.15 -28.38
C ALA B 195 -15.78 10.39 -29.56
N LYS B 196 -15.21 10.44 -30.77
CA LYS B 196 -15.96 10.70 -31.99
C LYS B 196 -16.89 9.55 -32.37
N ILE B 197 -16.66 8.39 -31.75
CA ILE B 197 -17.52 7.23 -31.98
C ILE B 197 -18.54 7.06 -30.86
N ALA B 198 -18.06 7.17 -29.62
CA ALA B 198 -18.87 6.90 -28.44
C ALA B 198 -19.98 7.93 -28.24
N MET B 199 -19.64 9.22 -28.36
CA MET B 199 -20.61 10.28 -28.14
C MET B 199 -21.78 10.27 -29.13
N PRO B 200 -21.50 10.08 -30.45
CA PRO B 200 -22.66 9.90 -31.32
C PRO B 200 -23.45 8.64 -30.97
N THR B 201 -22.73 7.54 -30.70
CA THR B 201 -23.35 6.28 -30.31
C THR B 201 -24.18 6.47 -29.05
N LEU B 202 -23.64 7.23 -28.11
CA LEU B 202 -24.32 7.55 -26.87
C LEU B 202 -25.63 8.28 -27.14
N PHE B 203 -25.55 9.32 -27.97
CA PHE B 203 -26.71 10.15 -28.27
C PHE B 203 -27.85 9.35 -28.88
N ILE B 204 -27.52 8.47 -29.83
CA ILE B 204 -28.52 7.64 -30.50
C ILE B 204 -29.24 6.72 -29.53
N LEU B 205 -28.45 6.02 -28.71
CA LEU B 205 -28.96 5.13 -27.67
C LEU B 205 -29.93 5.86 -26.74
N ALA B 206 -29.53 7.06 -26.32
CA ALA B 206 -30.33 7.87 -25.41
C ALA B 206 -31.66 8.25 -26.04
N VAL B 207 -31.60 8.73 -27.28
CA VAL B 207 -32.79 9.17 -28.00
C VAL B 207 -33.75 8.00 -28.24
N PHE B 208 -33.19 6.85 -28.60
CA PHE B 208 -34.01 5.66 -28.82
C PHE B 208 -34.77 5.27 -27.55
N LEU B 209 -34.09 5.40 -26.42
CA LEU B 209 -34.71 5.09 -25.13
C LEU B 209 -35.75 6.14 -24.77
N VAL B 210 -35.43 7.41 -25.01
CA VAL B 210 -36.37 8.50 -24.75
C VAL B 210 -37.67 8.30 -25.51
N ILE B 211 -37.56 7.92 -26.78
CA ILE B 211 -38.71 7.63 -27.62
C ILE B 211 -39.48 6.43 -27.10
N ARG B 212 -38.75 5.36 -26.80
CA ARG B 212 -39.37 4.11 -26.34
C ARG B 212 -40.01 4.27 -24.97
N VAL B 213 -39.42 5.09 -24.10
CA VAL B 213 -39.98 5.35 -22.78
C VAL B 213 -41.28 6.14 -22.90
N PHE B 214 -41.32 7.11 -23.82
CA PHE B 214 -42.51 7.93 -24.01
C PHE B 214 -43.69 7.13 -24.56
N LEU B 215 -43.43 5.91 -25.01
CA LEU B 215 -44.48 5.03 -25.51
C LEU B 215 -44.93 4.02 -24.46
N LEU B 216 -44.25 4.00 -23.31
CA LEU B 216 -44.62 3.10 -22.22
C LEU B 216 -45.96 3.47 -21.62
N GLU B 217 -46.86 2.49 -21.53
CA GLU B 217 -48.15 2.71 -20.89
C GLU B 217 -48.61 1.49 -20.10
N THR B 218 -48.78 1.68 -18.79
CA THR B 218 -49.28 0.62 -17.92
C THR B 218 -50.56 1.10 -17.24
N PRO B 219 -51.33 0.16 -16.64
CA PRO B 219 -52.51 0.54 -15.86
C PRO B 219 -52.20 1.53 -14.71
N ASN B 220 -50.94 1.61 -14.31
CA ASN B 220 -50.54 2.46 -13.18
C ASN B 220 -50.19 3.90 -13.57
N GLY B 221 -49.89 4.13 -14.84
CA GLY B 221 -49.56 5.46 -15.32
C GLY B 221 -48.83 5.50 -16.64
N THR B 222 -48.43 6.69 -17.07
CA THR B 222 -47.74 6.86 -18.33
C THR B 222 -46.43 7.63 -18.15
N ALA B 223 -45.68 7.77 -19.23
CA ALA B 223 -44.40 8.50 -19.19
C ALA B 223 -44.63 9.98 -18.96
N ALA B 224 -45.82 10.46 -19.30
CA ALA B 224 -46.19 11.85 -19.10
C ALA B 224 -46.30 12.14 -17.60
N ASP B 225 -46.76 11.14 -16.85
CA ASP B 225 -46.83 11.25 -15.40
C ASP B 225 -45.44 11.37 -14.79
N GLY B 226 -44.47 10.72 -15.44
CA GLY B 226 -43.08 10.79 -15.01
C GLY B 226 -42.48 12.16 -15.23
N LEU B 227 -42.62 12.69 -16.43
CA LEU B 227 -42.15 14.04 -16.75
C LEU B 227 -42.89 15.09 -15.92
N ASN B 228 -44.13 14.78 -15.56
CA ASN B 228 -44.93 15.68 -14.74
C ASN B 228 -44.37 15.80 -13.32
N PHE B 229 -44.31 14.65 -12.64
CA PHE B 229 -43.77 14.60 -11.28
C PHE B 229 -42.39 15.21 -11.17
N LEU B 230 -41.57 15.00 -12.21
CA LEU B 230 -40.19 15.43 -12.18
C LEU B 230 -40.04 16.94 -12.32
N TRP B 231 -40.85 17.55 -13.18
CA TRP B 231 -40.65 18.96 -13.53
C TRP B 231 -41.63 19.94 -12.88
N THR B 232 -42.68 19.44 -12.24
CA THR B 232 -43.60 20.32 -11.52
C THR B 232 -42.89 20.99 -10.35
N PRO B 233 -42.77 22.33 -10.42
CA PRO B 233 -41.98 23.11 -9.46
C PRO B 233 -42.57 23.14 -8.06
N ASP B 234 -41.71 23.05 -7.06
CA ASP B 234 -42.10 23.22 -5.66
C ASP B 234 -41.21 24.30 -5.05
N PHE B 235 -41.57 25.56 -5.26
CA PHE B 235 -40.73 26.69 -4.88
C PHE B 235 -40.56 26.83 -3.37
N GLU B 236 -41.38 26.12 -2.60
CA GLU B 236 -41.29 26.18 -1.14
C GLU B 236 -40.00 25.53 -0.64
N LYS B 237 -39.39 24.71 -1.49
CA LYS B 237 -38.13 24.06 -1.14
C LYS B 237 -36.93 24.96 -1.41
N LEU B 238 -37.14 26.08 -2.10
CA LEU B 238 -36.06 27.01 -2.39
C LEU B 238 -35.61 27.76 -1.14
N LYS B 239 -36.43 27.72 -0.10
CA LYS B 239 -36.07 28.32 1.18
C LYS B 239 -34.97 27.51 1.86
N ASP B 240 -35.01 26.19 1.66
CA ASP B 240 -34.04 25.28 2.26
C ASP B 240 -32.64 25.53 1.71
N PRO B 241 -31.69 25.86 2.61
CA PRO B 241 -30.28 26.04 2.23
C PRO B 241 -29.63 24.76 1.70
N GLY B 242 -30.12 23.61 2.16
CA GLY B 242 -29.63 22.32 1.71
C GLY B 242 -29.89 22.09 0.23
N VAL B 243 -30.94 22.72 -0.29
CA VAL B 243 -31.28 22.67 -1.70
C VAL B 243 -30.27 23.47 -2.52
N TRP B 244 -29.89 24.64 -2.01
CA TRP B 244 -28.90 25.47 -2.66
C TRP B 244 -27.49 24.86 -2.54
N ILE B 245 -27.28 24.03 -1.52
CA ILE B 245 -26.04 23.29 -1.38
C ILE B 245 -26.02 22.11 -2.35
N ALA B 246 -27.15 21.43 -2.47
CA ALA B 246 -27.26 20.29 -3.36
C ALA B 246 -27.07 20.70 -4.82
N ALA B 247 -27.56 21.88 -5.17
CA ALA B 247 -27.39 22.40 -6.53
C ALA B 247 -25.93 22.69 -6.84
N VAL B 248 -25.25 23.37 -5.92
CA VAL B 248 -23.83 23.68 -6.08
C VAL B 248 -23.03 22.39 -6.09
N GLY B 249 -23.42 21.44 -5.25
CA GLY B 249 -22.76 20.14 -5.18
C GLY B 249 -22.94 19.35 -6.45
N GLN B 250 -24.16 19.32 -6.97
CA GLN B 250 -24.47 18.59 -8.19
C GLN B 250 -23.72 19.12 -9.42
N ILE B 251 -23.64 20.43 -9.54
CA ILE B 251 -22.92 21.06 -10.64
C ILE B 251 -21.45 20.67 -10.60
N PHE B 252 -20.89 20.68 -9.39
CA PHE B 252 -19.50 20.31 -9.17
C PHE B 252 -19.25 18.86 -9.60
N PHE B 253 -20.20 18.00 -9.26
CA PHE B 253 -20.18 16.59 -9.68
C PHE B 253 -20.37 16.45 -11.19
N SER B 254 -21.34 17.17 -11.74
CA SER B 254 -21.75 17.02 -13.14
C SER B 254 -20.64 17.28 -14.14
N LEU B 255 -19.86 18.33 -13.90
CA LEU B 255 -18.82 18.76 -14.83
C LEU B 255 -17.48 18.09 -14.53
N GLY B 256 -17.39 17.45 -13.36
CA GLY B 256 -16.17 16.76 -12.98
C GLY B 256 -15.06 17.70 -12.57
N LEU B 257 -15.43 18.68 -11.74
CA LEU B 257 -14.47 19.67 -11.27
C LEU B 257 -13.67 19.15 -10.06
N GLY B 258 -12.44 19.61 -9.93
CA GLY B 258 -11.60 19.24 -8.80
C GLY B 258 -11.04 17.82 -8.86
N PHE B 259 -11.03 17.24 -10.04
CA PHE B 259 -10.44 15.92 -10.22
C PHE B 259 -9.06 16.04 -10.87
N GLY B 260 -8.80 17.20 -11.45
CA GLY B 260 -7.57 17.43 -12.17
C GLY B 260 -7.64 16.86 -13.57
N VAL B 261 -8.76 16.23 -13.91
CA VAL B 261 -8.95 15.67 -15.26
C VAL B 261 -8.99 16.75 -16.33
N LEU B 262 -9.72 17.83 -16.06
CA LEU B 262 -9.87 18.91 -17.03
C LEU B 262 -8.53 19.56 -17.30
N ILE B 263 -7.71 19.65 -16.26
CA ILE B 263 -6.37 20.23 -16.37
C ILE B 263 -5.47 19.38 -17.24
N THR B 264 -5.51 18.06 -17.03
CA THR B 264 -4.69 17.16 -17.82
C THR B 264 -5.08 17.20 -19.29
N PHE B 265 -6.38 17.21 -19.56
CA PHE B 265 -6.86 17.20 -20.94
C PHE B 265 -6.53 18.52 -21.65
N ALA B 266 -6.71 19.63 -20.93
CA ALA B 266 -6.41 20.95 -21.46
C ALA B 266 -4.92 21.11 -21.81
N SER B 267 -4.06 20.36 -21.15
CA SER B 267 -2.62 20.44 -21.42
C SER B 267 -2.28 19.96 -22.83
N TYR B 268 -3.21 19.27 -23.47
CA TYR B 268 -3.00 18.81 -24.84
C TYR B 268 -3.65 19.77 -25.84
N VAL B 269 -4.25 20.84 -25.33
CA VAL B 269 -4.69 21.95 -26.15
C VAL B 269 -3.49 22.85 -26.45
N ARG B 270 -3.31 23.22 -27.72
CA ARG B 270 -2.16 24.03 -28.11
C ARG B 270 -2.16 25.40 -27.41
N LYS B 271 -1.00 26.03 -27.37
CA LYS B 271 -0.76 27.24 -26.58
C LYS B 271 -1.75 28.36 -26.85
N ASP B 272 -2.04 28.63 -28.13
CA ASP B 272 -2.89 29.75 -28.50
C ASP B 272 -4.27 29.30 -28.99
N GLN B 273 -4.58 28.03 -28.81
CA GLN B 273 -5.88 27.50 -29.20
C GLN B 273 -6.94 27.94 -28.19
N ASP B 274 -8.15 28.18 -28.67
CA ASP B 274 -9.25 28.65 -27.83
C ASP B 274 -9.62 27.65 -26.74
N ILE B 275 -9.90 28.15 -25.55
CA ILE B 275 -10.38 27.33 -24.45
C ILE B 275 -11.68 27.89 -23.89
N VAL B 276 -11.93 29.18 -24.17
CA VAL B 276 -13.13 29.85 -23.67
C VAL B 276 -14.40 29.30 -24.31
N LEU B 277 -14.49 29.39 -25.63
CA LEU B 277 -15.67 28.90 -26.34
C LEU B 277 -15.72 27.37 -26.29
N SER B 278 -14.57 26.74 -26.45
CA SER B 278 -14.45 25.28 -26.40
C SER B 278 -15.01 24.70 -25.10
N GLY B 279 -14.58 25.27 -23.98
CA GLY B 279 -15.03 24.84 -22.67
C GLY B 279 -16.52 25.05 -22.46
N LEU B 280 -17.00 26.23 -22.84
CA LEU B 280 -18.41 26.59 -22.69
C LEU B 280 -19.31 25.68 -23.52
N THR B 281 -18.81 25.27 -24.70
CA THR B 281 -19.52 24.33 -25.54
C THR B 281 -19.62 22.96 -24.86
N ALA B 282 -18.45 22.44 -24.46
CA ALA B 282 -18.37 21.13 -23.80
C ALA B 282 -19.22 21.08 -22.53
N ALA B 283 -19.20 22.16 -21.77
CA ALA B 283 -20.00 22.26 -20.55
C ALA B 283 -21.49 22.24 -20.86
N THR B 284 -21.86 22.85 -21.97
CA THR B 284 -23.27 22.96 -22.36
C THR B 284 -23.84 21.63 -22.82
N LEU B 285 -23.05 20.86 -23.57
CA LEU B 285 -23.45 19.52 -24.00
C LEU B 285 -23.80 18.63 -22.82
N ASN B 286 -22.96 18.66 -21.78
CA ASN B 286 -23.17 17.87 -20.58
C ASN B 286 -24.49 18.20 -19.90
N GLU B 287 -24.83 19.48 -19.88
CA GLU B 287 -26.06 19.94 -19.25
C GLU B 287 -27.28 19.54 -20.07
N LYS B 288 -27.16 19.65 -21.39
CA LYS B 288 -28.25 19.26 -22.29
C LYS B 288 -28.54 17.78 -22.16
N ALA B 289 -27.48 16.97 -22.05
CA ALA B 289 -27.63 15.54 -21.89
C ALA B 289 -28.43 15.22 -20.62
N SER B 290 -28.14 15.95 -19.54
CA SER B 290 -28.80 15.71 -18.26
C SER B 290 -30.28 16.08 -18.29
N VAL B 291 -30.59 17.31 -18.67
CA VAL B 291 -31.97 17.81 -18.61
C VAL B 291 -32.85 17.20 -19.72
N ILE B 292 -32.27 16.97 -20.90
CA ILE B 292 -33.08 16.49 -22.03
C ILE B 292 -33.11 14.96 -22.09
N LEU B 293 -31.93 14.35 -22.11
CA LEU B 293 -31.82 12.90 -22.26
C LEU B 293 -31.98 12.18 -20.92
N GLY B 294 -31.17 12.56 -19.94
CA GLY B 294 -31.15 11.89 -18.66
C GLY B 294 -32.45 11.95 -17.88
N GLY B 295 -33.10 13.11 -17.90
CA GLY B 295 -34.36 13.30 -17.19
C GLY B 295 -35.59 12.76 -17.91
N SER B 296 -35.40 12.24 -19.12
CA SER B 296 -36.53 11.75 -19.90
C SER B 296 -36.62 10.23 -19.95
N ILE B 297 -35.65 9.56 -19.35
CA ILE B 297 -35.62 8.09 -19.40
C ILE B 297 -35.92 7.43 -18.06
N SER B 298 -34.98 7.51 -17.11
CA SER B 298 -35.07 6.75 -15.86
C SER B 298 -36.33 7.03 -15.04
N ILE B 299 -36.47 8.26 -14.56
CA ILE B 299 -37.62 8.63 -13.73
C ILE B 299 -38.97 8.48 -14.47
N PRO B 300 -39.07 8.97 -15.71
CA PRO B 300 -40.35 8.75 -16.41
C PRO B 300 -40.72 7.28 -16.56
N ALA B 301 -39.74 6.44 -16.90
CA ALA B 301 -39.99 5.01 -17.07
C ALA B 301 -40.45 4.37 -15.76
N ALA B 302 -39.88 4.84 -14.65
CA ALA B 302 -40.20 4.31 -13.34
C ALA B 302 -41.62 4.66 -12.91
N VAL B 303 -41.94 5.95 -12.99
CA VAL B 303 -43.26 6.45 -12.59
C VAL B 303 -44.35 5.86 -13.49
N ALA B 304 -44.03 5.67 -14.76
CA ALA B 304 -44.96 5.06 -15.71
C ALA B 304 -45.40 3.68 -15.26
N PHE B 305 -44.44 2.91 -14.73
CA PHE B 305 -44.70 1.53 -14.36
C PHE B 305 -45.31 1.39 -12.97
N PHE B 306 -44.84 2.18 -12.01
CA PHE B 306 -45.28 2.05 -10.62
C PHE B 306 -46.33 3.08 -10.18
N GLY B 307 -46.49 4.14 -10.97
CA GLY B 307 -47.49 5.15 -10.65
C GLY B 307 -46.87 6.36 -9.98
N VAL B 308 -47.56 7.50 -10.06
CA VAL B 308 -47.09 8.72 -9.44
C VAL B 308 -47.18 8.64 -7.92
N ALA B 309 -47.96 7.67 -7.43
CA ALA B 309 -48.12 7.44 -5.99
C ALA B 309 -46.82 6.96 -5.36
N ASN B 310 -45.98 6.32 -6.18
CA ASN B 310 -44.71 5.79 -5.69
C ASN B 310 -43.53 6.61 -6.20
N ALA B 311 -43.83 7.75 -6.83
CA ALA B 311 -42.81 8.64 -7.37
C ALA B 311 -41.85 9.14 -6.29
N VAL B 312 -42.39 9.52 -5.13
CA VAL B 312 -41.58 9.97 -4.01
C VAL B 312 -40.75 8.82 -3.45
N ALA B 313 -41.36 7.65 -3.31
CA ALA B 313 -40.68 6.47 -2.82
C ALA B 313 -39.54 6.05 -3.73
N ILE B 314 -39.77 6.20 -5.04
CA ILE B 314 -38.77 5.86 -6.05
C ILE B 314 -37.56 6.80 -5.96
N ALA B 315 -37.83 8.09 -5.90
CA ALA B 315 -36.77 9.09 -5.80
C ALA B 315 -35.93 8.90 -4.53
N LYS B 316 -36.61 8.59 -3.43
CA LYS B 316 -35.92 8.41 -2.15
C LYS B 316 -35.12 7.11 -2.11
N ALA B 317 -35.43 6.19 -3.02
CA ALA B 317 -34.71 4.92 -3.09
C ALA B 317 -33.31 5.12 -3.69
N GLY B 318 -33.06 6.31 -4.22
CA GLY B 318 -31.74 6.68 -4.70
C GLY B 318 -31.48 6.40 -6.17
N ALA B 319 -30.45 7.03 -6.70
CA ALA B 319 -30.07 6.87 -8.11
C ALA B 319 -29.54 5.47 -8.41
N PHE B 320 -28.89 4.84 -7.43
CA PHE B 320 -28.32 3.52 -7.66
C PHE B 320 -29.40 2.45 -7.81
N ASN B 321 -30.33 2.41 -6.85
CA ASN B 321 -31.45 1.48 -6.91
C ASN B 321 -32.24 1.61 -8.20
N LEU B 322 -32.43 2.86 -8.61
CA LEU B 322 -33.17 3.18 -9.83
C LEU B 322 -32.55 2.53 -11.06
N GLY B 323 -31.23 2.64 -11.19
CA GLY B 323 -30.54 2.19 -12.38
C GLY B 323 -30.17 0.70 -12.40
N PHE B 324 -29.94 0.11 -11.24
CA PHE B 324 -29.45 -1.26 -11.19
C PHE B 324 -30.47 -2.26 -10.63
N ILE B 325 -31.55 -1.76 -10.04
CA ILE B 325 -32.60 -2.64 -9.52
C ILE B 325 -33.97 -2.34 -10.14
N THR B 326 -34.41 -1.09 -10.01
CA THR B 326 -35.74 -0.70 -10.44
C THR B 326 -35.97 -0.84 -11.95
N LEU B 327 -35.15 -0.15 -12.73
CA LEU B 327 -35.27 -0.19 -14.20
C LEU B 327 -35.10 -1.60 -14.80
N PRO B 328 -34.13 -2.40 -14.31
CA PRO B 328 -34.08 -3.77 -14.83
C PRO B 328 -35.34 -4.59 -14.55
N ALA B 329 -35.98 -4.33 -13.41
CA ALA B 329 -37.21 -5.02 -13.07
C ALA B 329 -38.34 -4.62 -14.02
N ILE B 330 -38.42 -3.33 -14.31
CA ILE B 330 -39.42 -2.80 -15.23
C ILE B 330 -39.22 -3.37 -16.64
N PHE B 331 -37.95 -3.48 -17.04
CA PHE B 331 -37.61 -4.03 -18.34
C PHE B 331 -38.03 -5.49 -18.48
N SER B 332 -38.05 -6.22 -17.36
CA SER B 332 -38.46 -7.62 -17.40
C SER B 332 -39.97 -7.78 -17.53
N GLN B 333 -40.69 -6.66 -17.43
CA GLN B 333 -42.15 -6.69 -17.45
C GLN B 333 -42.69 -5.95 -18.67
N THR B 334 -41.78 -5.43 -19.50
CA THR B 334 -42.17 -4.74 -20.72
C THR B 334 -41.82 -5.57 -21.94
N ALA B 335 -42.51 -5.31 -23.05
CA ALA B 335 -42.35 -6.06 -24.28
C ALA B 335 -40.99 -5.83 -24.94
N GLY B 336 -40.24 -6.91 -25.14
CA GLY B 336 -38.91 -6.84 -25.70
C GLY B 336 -37.95 -6.10 -24.78
N GLY B 337 -38.20 -6.25 -23.47
CA GLY B 337 -37.39 -5.63 -22.44
C GLY B 337 -35.97 -6.13 -22.41
N THR B 338 -35.76 -7.38 -22.81
CA THR B 338 -34.44 -7.99 -22.78
C THR B 338 -33.45 -7.23 -23.67
N PHE B 339 -33.86 -6.83 -24.86
CA PHE B 339 -33.00 -5.99 -25.69
C PHE B 339 -33.00 -4.56 -25.16
N LEU B 340 -34.11 -4.16 -24.54
CA LEU B 340 -34.20 -2.84 -23.92
C LEU B 340 -33.21 -2.72 -22.76
N GLY B 341 -33.13 -3.78 -21.95
CA GLY B 341 -32.17 -3.83 -20.85
C GLY B 341 -30.74 -3.75 -21.34
N PHE B 342 -30.45 -4.35 -22.49
CA PHE B 342 -29.11 -4.29 -23.07
C PHE B 342 -28.74 -2.86 -23.43
N LEU B 343 -29.68 -2.16 -24.09
CA LEU B 343 -29.43 -0.80 -24.53
C LEU B 343 -29.20 0.16 -23.38
N TRP B 344 -29.97 -0.01 -22.30
CA TRP B 344 -29.83 0.82 -21.13
C TRP B 344 -28.45 0.67 -20.52
N PHE B 345 -28.01 -0.58 -20.33
CA PHE B 345 -26.71 -0.84 -19.71
C PHE B 345 -25.54 -0.64 -20.67
N PHE B 346 -25.80 -0.76 -21.96
CA PHE B 346 -24.79 -0.43 -22.95
C PHE B 346 -24.54 1.07 -22.90
N LEU B 347 -25.61 1.82 -22.67
CA LEU B 347 -25.55 3.27 -22.60
C LEU B 347 -24.68 3.75 -21.44
N LEU B 348 -24.92 3.15 -20.27
CA LEU B 348 -24.18 3.53 -19.07
C LEU B 348 -22.72 3.16 -19.18
N PHE B 349 -22.44 2.03 -19.84
CA PHE B 349 -21.06 1.56 -20.02
C PHE B 349 -20.24 2.54 -20.84
N PHE B 350 -20.74 2.95 -22.00
CA PHE B 350 -20.03 3.90 -22.84
C PHE B 350 -19.89 5.25 -22.16
N ALA B 351 -20.91 5.63 -21.39
CA ALA B 351 -20.86 6.89 -20.66
C ALA B 351 -19.76 6.80 -19.60
N GLY B 352 -19.64 5.64 -18.97
CA GLY B 352 -18.62 5.44 -17.95
C GLY B 352 -17.25 5.27 -18.56
N LEU B 353 -17.19 4.59 -19.69
CA LEU B 353 -15.92 4.32 -20.35
C LEU B 353 -15.26 5.60 -20.85
N THR B 354 -16.07 6.59 -21.23
CA THR B 354 -15.52 7.85 -21.70
C THR B 354 -15.08 8.72 -20.53
N SER B 355 -15.67 8.51 -19.35
CA SER B 355 -15.14 9.18 -18.17
C SER B 355 -13.90 8.49 -17.58
N SER B 356 -13.89 7.16 -17.56
CA SER B 356 -12.80 6.44 -16.91
C SER B 356 -11.46 6.58 -17.66
N ILE B 357 -11.51 6.63 -18.99
CA ILE B 357 -10.28 6.77 -19.76
C ILE B 357 -9.70 8.17 -19.59
N ALA B 358 -10.55 9.11 -19.15
CA ALA B 358 -10.09 10.47 -18.92
C ALA B 358 -9.45 10.59 -17.54
N GLY B 359 -10.03 9.89 -16.56
CA GLY B 359 -9.55 9.96 -15.20
C GLY B 359 -8.23 9.25 -14.95
N MET B 360 -7.86 8.34 -15.84
CA MET B 360 -6.61 7.61 -15.70
C MET B 360 -5.51 8.25 -16.52
N GLN B 361 -5.89 9.20 -17.38
CA GLN B 361 -4.95 9.95 -18.19
C GLN B 361 -3.98 10.78 -17.34
N GLY B 362 -4.48 11.38 -16.27
CA GLY B 362 -3.66 12.19 -15.40
C GLY B 362 -2.45 11.46 -14.85
N MET B 363 -2.62 10.19 -14.50
CA MET B 363 -1.52 9.38 -14.02
C MET B 363 -0.58 9.04 -15.19
N ILE B 364 -1.17 8.72 -16.33
CA ILE B 364 -0.43 8.42 -17.54
C ILE B 364 0.39 9.64 -17.96
N ALA B 365 -0.20 10.82 -17.80
CA ALA B 365 0.49 12.06 -18.10
C ALA B 365 1.69 12.28 -17.17
N PHE B 366 1.49 12.05 -15.89
CA PHE B 366 2.55 12.24 -14.90
C PHE B 366 3.75 11.33 -15.17
N LEU B 367 3.47 10.06 -15.45
CA LEU B 367 4.54 9.09 -15.69
C LEU B 367 5.33 9.42 -16.96
N GLU B 368 4.66 10.04 -17.92
CA GLU B 368 5.30 10.45 -19.16
C GLU B 368 6.07 11.75 -19.02
N ASP B 369 5.39 12.77 -18.50
CA ASP B 369 5.93 14.12 -18.48
C ASP B 369 7.04 14.32 -17.45
N GLU B 370 6.90 13.68 -16.29
CA GLU B 370 7.79 13.96 -15.16
C GLU B 370 8.82 12.86 -14.91
N LEU B 371 8.46 11.62 -15.22
CA LEU B 371 9.38 10.50 -15.03
C LEU B 371 9.86 9.93 -16.37
N LYS B 372 9.44 10.57 -17.46
CA LYS B 372 9.90 10.25 -18.81
C LYS B 372 9.69 8.79 -19.20
N LEU B 373 8.59 8.19 -18.76
CA LEU B 373 8.24 6.84 -19.18
C LEU B 373 7.61 6.86 -20.56
N SER B 374 7.73 5.75 -21.29
CA SER B 374 7.05 5.61 -22.57
C SER B 374 5.55 5.56 -22.31
N ARG B 375 4.75 5.85 -23.34
CA ARG B 375 3.31 5.81 -23.20
C ARG B 375 2.86 4.42 -22.80
N LYS B 376 3.49 3.41 -23.39
CA LYS B 376 3.16 2.02 -23.09
C LYS B 376 3.39 1.71 -21.61
N HIS B 377 4.58 2.05 -21.11
CA HIS B 377 4.90 1.82 -19.71
C HIS B 377 4.01 2.60 -18.76
N ALA B 378 3.76 3.86 -19.07
CA ALA B 378 2.91 4.72 -18.25
C ALA B 378 1.49 4.16 -18.12
N VAL B 379 0.94 3.70 -19.23
CA VAL B 379 -0.42 3.16 -19.24
C VAL B 379 -0.49 1.84 -18.46
N LEU B 380 0.46 0.95 -18.72
CA LEU B 380 0.50 -0.35 -18.06
C LEU B 380 0.69 -0.23 -16.53
N TRP B 381 1.61 0.63 -16.10
CA TRP B 381 1.84 0.80 -14.66
C TRP B 381 0.65 1.48 -13.98
N THR B 382 0.09 2.49 -14.63
CA THR B 382 -1.14 3.11 -14.15
C THR B 382 -2.26 2.08 -14.00
N ALA B 383 -2.45 1.27 -15.04
CA ALA B 383 -3.45 0.20 -15.01
C ALA B 383 -3.17 -0.78 -13.88
N ALA B 384 -1.89 -1.06 -13.62
CA ALA B 384 -1.50 -1.98 -12.56
C ALA B 384 -1.93 -1.44 -11.20
N ILE B 385 -1.62 -0.16 -10.95
CA ILE B 385 -2.00 0.50 -9.70
C ILE B 385 -3.52 0.50 -9.50
N VAL B 386 -4.26 0.79 -10.56
CA VAL B 386 -5.73 0.82 -10.47
C VAL B 386 -6.31 -0.59 -10.27
N PHE B 387 -5.80 -1.55 -11.03
CA PHE B 387 -6.27 -2.93 -10.90
C PHE B 387 -6.00 -3.46 -9.51
N PHE B 388 -4.81 -3.17 -8.99
CA PHE B 388 -4.42 -3.61 -7.66
C PHE B 388 -5.32 -2.99 -6.60
N SER B 389 -5.47 -1.66 -6.65
CA SER B 389 -6.28 -0.91 -5.68
C SER B 389 -7.74 -1.39 -5.62
N ALA B 390 -8.24 -1.85 -6.76
CA ALA B 390 -9.65 -2.20 -6.89
C ALA B 390 -10.03 -3.44 -6.08
N HIS B 391 -9.05 -4.28 -5.77
CA HIS B 391 -9.32 -5.49 -4.99
C HIS B 391 -9.80 -5.13 -3.59
N LEU B 392 -9.46 -3.93 -3.15
CA LEU B 392 -9.92 -3.44 -1.87
C LEU B 392 -11.41 -3.12 -1.99
N VAL B 393 -11.78 -2.54 -3.13
CA VAL B 393 -13.16 -2.18 -3.42
C VAL B 393 -14.01 -3.42 -3.71
N MET B 394 -13.41 -4.40 -4.38
CA MET B 394 -14.11 -5.63 -4.75
C MET B 394 -14.36 -6.59 -3.59
N PHE B 395 -13.48 -6.61 -2.60
CA PHE B 395 -13.55 -7.63 -1.55
C PHE B 395 -13.89 -7.12 -0.16
N LEU B 396 -13.62 -5.85 0.10
CA LEU B 396 -13.87 -5.29 1.42
C LEU B 396 -15.13 -4.42 1.41
N ASN B 397 -16.13 -4.83 2.18
CA ASN B 397 -17.40 -4.12 2.20
C ASN B 397 -17.27 -2.70 2.74
N LYS B 398 -17.97 -1.76 2.08
CA LYS B 398 -18.00 -0.35 2.46
C LYS B 398 -16.64 0.34 2.31
N SER B 399 -15.69 -0.35 1.68
CA SER B 399 -14.42 0.27 1.34
C SER B 399 -14.67 1.32 0.26
N LEU B 400 -15.61 1.01 -0.63
CA LEU B 400 -16.02 1.91 -1.72
C LEU B 400 -16.53 3.23 -1.15
N ASP B 401 -17.43 3.14 -0.18
CA ASP B 401 -17.97 4.29 0.51
C ASP B 401 -16.88 5.15 1.15
N GLU B 402 -15.86 4.48 1.69
CA GLU B 402 -14.77 5.16 2.37
C GLU B 402 -13.88 5.94 1.42
N MET B 403 -13.55 5.33 0.29
CA MET B 403 -12.77 6.01 -0.74
C MET B 403 -13.53 7.16 -1.36
N ASP B 404 -14.77 6.89 -1.73
CA ASP B 404 -15.62 7.89 -2.36
C ASP B 404 -15.84 9.10 -1.47
N PHE B 405 -15.83 8.89 -0.17
CA PHE B 405 -16.09 9.97 0.78
C PHE B 405 -14.94 10.95 0.88
N TRP B 406 -13.72 10.45 1.09
CA TRP B 406 -12.55 11.32 1.13
C TRP B 406 -12.23 11.93 -0.23
N ALA B 407 -12.34 11.13 -1.29
CA ALA B 407 -11.97 11.56 -2.64
C ALA B 407 -12.94 12.57 -3.27
N THR B 408 -14.24 12.29 -3.20
CA THR B 408 -15.22 13.17 -3.84
C THR B 408 -16.11 13.91 -2.84
N GLY B 409 -16.23 13.38 -1.64
CA GLY B 409 -17.04 14.02 -0.61
C GLY B 409 -16.51 15.37 -0.20
N ILE B 410 -15.21 15.42 0.09
CA ILE B 410 -14.55 16.68 0.42
C ILE B 410 -13.37 16.96 -0.51
N GLY B 411 -12.78 15.91 -1.06
CA GLY B 411 -11.54 16.05 -1.81
C GLY B 411 -11.61 16.91 -3.05
N VAL B 412 -12.63 16.72 -3.88
CA VAL B 412 -12.77 17.49 -5.11
C VAL B 412 -13.08 18.96 -4.82
N VAL B 413 -13.91 19.21 -3.81
CA VAL B 413 -14.29 20.57 -3.45
C VAL B 413 -13.11 21.32 -2.81
N PHE B 414 -12.40 20.66 -1.90
CA PHE B 414 -11.21 21.22 -1.29
C PHE B 414 -10.16 21.52 -2.35
N PHE B 415 -9.97 20.57 -3.26
CA PHE B 415 -9.01 20.75 -4.34
C PHE B 415 -9.45 21.84 -5.31
N GLY B 416 -10.76 21.98 -5.49
CA GLY B 416 -11.30 23.01 -6.36
C GLY B 416 -10.95 24.39 -5.85
N LEU B 417 -11.07 24.58 -4.55
CA LEU B 417 -10.74 25.85 -3.90
C LEU B 417 -9.24 26.14 -3.99
N THR B 418 -8.44 25.10 -3.88
CA THR B 418 -6.99 25.21 -3.95
C THR B 418 -6.56 25.74 -5.32
N GLU B 419 -7.28 25.32 -6.37
CA GLU B 419 -6.98 25.76 -7.71
C GLU B 419 -7.22 27.25 -7.88
N LEU B 420 -8.36 27.72 -7.37
CA LEU B 420 -8.72 29.13 -7.45
C LEU B 420 -7.68 30.00 -6.78
N ILE B 421 -7.39 29.71 -5.53
CA ILE B 421 -6.46 30.48 -4.73
C ILE B 421 -5.07 30.53 -5.37
N ILE B 422 -4.56 29.37 -5.80
CA ILE B 422 -3.25 29.32 -6.44
C ILE B 422 -3.22 30.08 -7.76
N PHE B 423 -4.22 29.86 -8.62
CA PHE B 423 -4.23 30.49 -9.93
C PHE B 423 -4.61 31.98 -9.88
N PHE B 424 -5.69 32.30 -9.19
CA PHE B 424 -6.27 33.64 -9.25
C PHE B 424 -5.80 34.60 -8.15
N TRP B 425 -5.28 34.06 -7.05
CA TRP B 425 -4.81 34.90 -5.97
C TRP B 425 -3.28 34.91 -5.84
N ILE B 426 -2.67 33.73 -5.81
CA ILE B 426 -1.23 33.62 -5.67
C ILE B 426 -0.49 33.95 -6.98
N PHE B 427 -0.96 33.35 -8.08
CA PHE B 427 -0.34 33.55 -9.39
C PHE B 427 -0.64 34.95 -9.92
N GLY B 428 -1.76 35.52 -9.47
CA GLY B 428 -2.15 36.86 -9.89
C GLY B 428 -3.40 36.83 -10.75
N ALA B 429 -4.42 37.56 -10.32
CA ALA B 429 -5.71 37.58 -11.02
C ALA B 429 -5.59 38.12 -12.43
N ASP B 430 -4.76 39.15 -12.61
CA ASP B 430 -4.54 39.77 -13.92
C ASP B 430 -3.84 38.80 -14.87
N LYS B 431 -2.82 38.10 -14.36
CA LYS B 431 -2.10 37.12 -15.17
C LYS B 431 -2.99 35.95 -15.51
N ALA B 432 -3.85 35.58 -14.56
CA ALA B 432 -4.78 34.49 -14.74
C ALA B 432 -5.82 34.84 -15.80
N TRP B 433 -6.33 36.06 -15.72
CA TRP B 433 -7.36 36.54 -16.64
C TRP B 433 -6.86 36.58 -18.09
N GLU B 434 -5.63 37.05 -18.29
CA GLU B 434 -5.02 37.09 -19.62
C GLU B 434 -4.78 35.69 -20.16
N GLU B 435 -4.52 34.74 -19.27
CA GLU B 435 -4.27 33.36 -19.66
C GLU B 435 -5.53 32.67 -20.15
N ILE B 436 -6.66 33.01 -19.53
CA ILE B 436 -7.93 32.39 -19.87
C ILE B 436 -8.41 32.87 -21.23
N ASN B 437 -8.35 34.17 -21.45
CA ASN B 437 -8.91 34.78 -22.66
C ASN B 437 -8.01 34.71 -23.89
N ARG B 438 -6.72 34.46 -23.68
CA ARG B 438 -5.76 34.40 -24.79
C ARG B 438 -6.12 33.32 -25.81
N GLY B 439 -6.21 33.70 -27.08
CA GLY B 439 -6.55 32.78 -28.14
C GLY B 439 -8.04 32.45 -28.18
N GLY B 440 -8.82 33.14 -27.35
CA GLY B 440 -10.23 32.87 -27.23
C GLY B 440 -11.04 33.38 -28.42
N ILE B 441 -11.83 32.48 -29.01
CA ILE B 441 -12.71 32.83 -30.11
C ILE B 441 -13.69 33.90 -29.65
N ILE B 442 -14.24 33.70 -28.46
CA ILE B 442 -15.01 34.73 -27.80
C ILE B 442 -14.32 35.06 -26.48
N LYS B 443 -14.57 36.26 -25.96
CA LYS B 443 -13.94 36.69 -24.72
C LYS B 443 -14.84 36.45 -23.52
N VAL B 444 -14.23 36.12 -22.39
CA VAL B 444 -14.97 35.94 -21.15
C VAL B 444 -15.51 37.29 -20.68
N PRO B 445 -16.83 37.36 -20.42
CA PRO B 445 -17.50 38.56 -19.91
C PRO B 445 -16.74 39.17 -18.74
N ARG B 446 -16.59 40.50 -18.76
CA ARG B 446 -15.78 41.21 -17.77
C ARG B 446 -16.31 41.01 -16.36
N ILE B 447 -17.59 40.67 -16.24
CA ILE B 447 -18.22 40.48 -14.93
C ILE B 447 -17.67 39.24 -14.23
N TYR B 448 -17.19 38.27 -15.00
CA TYR B 448 -16.68 37.02 -14.44
C TYR B 448 -15.36 37.19 -13.70
N TYR B 449 -14.67 38.30 -13.95
CA TYR B 449 -13.43 38.60 -13.22
C TYR B 449 -13.68 38.69 -11.71
N TYR B 450 -14.84 39.25 -11.35
CA TYR B 450 -15.21 39.38 -9.95
C TYR B 450 -15.82 38.09 -9.41
N VAL B 451 -16.51 37.36 -10.28
CA VAL B 451 -17.10 36.07 -9.90
C VAL B 451 -16.00 35.07 -9.58
N MET B 452 -15.01 34.97 -10.46
CA MET B 452 -13.88 34.05 -10.26
C MET B 452 -13.07 34.39 -9.02
N ARG B 453 -12.93 35.68 -8.72
CA ARG B 453 -12.04 36.12 -7.66
C ARG B 453 -12.69 36.11 -6.27
N TYR B 454 -14.00 36.32 -6.21
CA TYR B 454 -14.70 36.41 -4.93
C TYR B 454 -15.88 35.47 -4.81
N ILE B 455 -16.80 35.54 -5.77
CA ILE B 455 -18.05 34.77 -5.70
C ILE B 455 -17.82 33.27 -5.72
N THR B 456 -17.02 32.80 -6.68
CA THR B 456 -16.74 31.37 -6.82
C THR B 456 -15.97 30.77 -5.62
N PRO B 457 -14.88 31.42 -5.16
CA PRO B 457 -14.22 30.82 -3.99
C PRO B 457 -15.05 30.93 -2.71
N ALA B 458 -15.92 31.93 -2.63
CA ALA B 458 -16.82 32.06 -1.47
C ALA B 458 -17.83 30.92 -1.44
N PHE B 459 -18.40 30.61 -2.60
CA PHE B 459 -19.34 29.51 -2.74
C PHE B 459 -18.70 28.19 -2.33
N LEU B 460 -17.46 27.96 -2.79
CA LEU B 460 -16.75 26.74 -2.47
C LEU B 460 -16.49 26.62 -0.98
N ALA B 461 -16.11 27.73 -0.36
CA ALA B 461 -15.80 27.74 1.07
C ALA B 461 -17.04 27.46 1.91
N VAL B 462 -18.18 27.96 1.48
CA VAL B 462 -19.45 27.67 2.16
C VAL B 462 -19.78 26.20 2.06
N LEU B 463 -19.63 25.63 0.87
CA LEU B 463 -19.89 24.22 0.66
C LEU B 463 -18.94 23.36 1.49
N LEU B 464 -17.70 23.82 1.62
CA LEU B 464 -16.68 23.15 2.43
C LEU B 464 -17.00 23.22 3.92
N VAL B 465 -17.41 24.39 4.39
CA VAL B 465 -17.70 24.61 5.80
C VAL B 465 -18.90 23.79 6.25
N VAL B 466 -19.90 23.70 5.38
CA VAL B 466 -21.10 22.91 5.65
C VAL B 466 -20.71 21.44 5.80
N TRP B 467 -19.74 21.01 5.01
CA TRP B 467 -19.17 19.66 5.14
C TRP B 467 -18.52 19.48 6.51
N ALA B 468 -17.75 20.49 6.92
CA ALA B 468 -17.00 20.41 8.17
C ALA B 468 -17.95 20.27 9.36
N ARG B 469 -19.00 21.08 9.37
CA ARG B 469 -19.97 21.01 10.45
C ARG B 469 -20.72 19.68 10.40
N GLU B 470 -20.99 19.20 9.19
CA GLU B 470 -21.70 17.93 8.96
C GLU B 470 -20.97 16.64 9.34
N TYR B 471 -19.68 16.51 9.00
CA TYR B 471 -19.00 15.22 9.18
C TYR B 471 -17.80 15.17 10.13
N ILE B 472 -17.28 16.32 10.53
CA ILE B 472 -16.16 16.33 11.48
C ILE B 472 -16.54 15.64 12.82
N PRO B 473 -17.76 15.87 13.34
CA PRO B 473 -18.09 15.01 14.47
C PRO B 473 -18.94 13.81 14.08
N THR B 479 -16.90 4.57 14.37
CA THR B 479 -16.49 4.03 13.08
C THR B 479 -16.04 2.57 13.22
N HIS B 480 -16.59 1.68 12.40
CA HIS B 480 -16.17 0.28 12.39
C HIS B 480 -14.71 0.18 11.99
N TRP B 481 -13.96 -0.75 12.59
CA TRP B 481 -12.51 -0.76 12.45
C TRP B 481 -11.99 -1.07 11.04
N THR B 482 -12.85 -1.59 10.16
CA THR B 482 -12.39 -1.99 8.83
C THR B 482 -12.20 -0.78 7.92
N VAL B 483 -12.74 0.37 8.30
CA VAL B 483 -12.56 1.57 7.48
C VAL B 483 -11.11 2.02 7.59
N TRP B 484 -10.45 1.63 8.68
CA TRP B 484 -9.04 1.93 8.89
C TRP B 484 -8.15 1.20 7.88
N ILE B 485 -8.65 0.09 7.36
CA ILE B 485 -7.94 -0.63 6.30
C ILE B 485 -7.91 0.20 5.02
N THR B 486 -9.05 0.79 4.69
CA THR B 486 -9.19 1.61 3.48
C THR B 486 -8.49 2.96 3.67
N ARG B 487 -8.62 3.52 4.87
CA ARG B 487 -7.92 4.77 5.21
C ARG B 487 -6.41 4.56 5.18
N PHE B 488 -5.97 3.41 5.68
CA PHE B 488 -4.56 3.04 5.64
C PHE B 488 -4.04 3.08 4.21
N TYR B 489 -4.74 2.43 3.30
CA TYR B 489 -4.27 2.32 1.93
C TYR B 489 -4.23 3.65 1.18
N ILE B 490 -5.30 4.44 1.27
CA ILE B 490 -5.32 5.69 0.51
C ILE B 490 -4.33 6.70 1.09
N ILE B 491 -4.06 6.60 2.39
CA ILE B 491 -2.98 7.37 2.99
C ILE B 491 -1.63 6.91 2.42
N GLY B 492 -1.47 5.60 2.30
CA GLY B 492 -0.31 5.03 1.65
C GLY B 492 -0.11 5.48 0.20
N LEU B 493 -1.19 5.56 -0.57
CA LEU B 493 -1.11 6.08 -1.94
C LEU B 493 -0.53 7.49 -2.00
N PHE B 494 -1.01 8.36 -1.12
CA PHE B 494 -0.53 9.73 -1.10
C PHE B 494 0.97 9.78 -0.78
N LEU B 495 1.41 8.93 0.12
CA LEU B 495 2.82 8.83 0.44
C LEU B 495 3.61 8.34 -0.77
N PHE B 496 3.04 7.35 -1.46
CA PHE B 496 3.67 6.78 -2.64
C PHE B 496 3.77 7.80 -3.78
N LEU B 497 2.73 8.61 -3.95
CA LEU B 497 2.72 9.61 -5.01
C LEU B 497 3.64 10.76 -4.65
N THR B 498 3.69 11.09 -3.35
CA THR B 498 4.61 12.11 -2.86
C THR B 498 6.04 11.71 -3.19
N PHE B 499 6.33 10.43 -3.00
CA PHE B 499 7.67 9.89 -3.28
C PHE B 499 8.02 9.98 -4.76
N LEU B 500 7.03 9.76 -5.63
CA LEU B 500 7.25 9.88 -7.08
C LEU B 500 7.50 11.32 -7.51
N VAL B 501 6.74 12.25 -6.94
CA VAL B 501 6.97 13.67 -7.16
C VAL B 501 8.37 14.04 -6.70
N PHE B 502 8.78 13.45 -5.57
CA PHE B 502 10.12 13.64 -5.03
C PHE B 502 11.19 13.13 -5.99
N LEU B 503 10.99 11.93 -6.51
CA LEU B 503 11.91 11.35 -7.49
C LEU B 503 11.96 12.17 -8.78
N ALA B 504 10.85 12.84 -9.10
CA ALA B 504 10.77 13.67 -10.29
C ALA B 504 11.66 14.90 -10.20
N GLU B 505 11.53 15.64 -9.11
CA GLU B 505 12.32 16.86 -8.92
C GLU B 505 13.81 16.55 -8.72
N ARG B 506 14.13 15.33 -8.31
CA ARG B 506 15.54 14.93 -8.16
C ARG B 506 16.14 14.51 -9.49
N ARG B 507 15.33 13.87 -10.33
CA ARG B 507 15.77 13.46 -11.66
C ARG B 507 16.01 14.69 -12.54
N ARG B 508 15.28 15.75 -12.25
CA ARG B 508 15.38 17.00 -13.00
C ARG B 508 16.63 17.78 -12.63
N ASN B 509 17.04 17.68 -11.36
CA ASN B 509 18.26 18.33 -10.89
C ASN B 509 19.51 17.67 -11.48
N HIS B 510 19.42 16.36 -11.72
CA HIS B 510 20.51 15.61 -12.33
C HIS B 510 20.70 16.02 -13.79
N GLU B 511 19.59 16.07 -14.53
CA GLU B 511 19.63 16.50 -15.92
C GLU B 511 19.37 18.01 -16.03
#